data_3VNL
#
_entry.id   3VNL
#
_cell.length_a   80.073
_cell.length_b   115.371
_cell.length_c   91.530
_cell.angle_alpha   90.00
_cell.angle_beta   104.77
_cell.angle_gamma   90.00
#
_symmetry.space_group_name_H-M   'P 1 21 1'
#
loop_
_entity.id
_entity.type
_entity.pdbx_description
1 polymer 'Xylose isomerase domain protein TIM barrel'
2 non-polymer D-tagatose
3 non-polymer 'MANGANESE (II) ION'
4 water water
#
_entity_poly.entity_id   1
_entity_poly.type   'polypeptide(L)'
_entity_poly.pdbx_seq_one_letter_code
;AMKHGIYYAYWEQEWEADYKYYIEKVAKLGFDILEIAASPLPFYSDIQINELKACAHGNGITLTVGHGPSAEQNLSSPDP
DIRKNAKAFYTDLLKRLYKLDVHLIGGALYSYWPIDYTKTIDKKGDWERSVESVREVAKVAEACGVDFCLEVLNRFENYL
INTAQEGVDFVKQVDHNNVKVMLDTFHMNIEEDSIGGAIRTAGSYLGHLHTGECNRKVPGRGRIPWVEIGEALADIGYNG
SVVMEPFVRMGGTVGSNIKVWRDISNGADEKMLDREAQAALDFSRYVLECHKHS
;
_entity_poly.pdbx_strand_id   A,B,C,D
#
loop_
_chem_comp.id
_chem_comp.type
_chem_comp.name
_chem_comp.formula
MN non-polymer 'MANGANESE (II) ION' 'Mn 2'
TAG D-saccharide D-tagatose 'C6 H12 O6'
#
# COMPACT_ATOMS: atom_id res chain seq x y z
N ALA A 1 -8.29 -21.09 -12.51
CA ALA A 1 -9.68 -20.89 -11.98
C ALA A 1 -10.45 -19.87 -12.84
N MET A 2 -9.89 -18.67 -12.96
CA MET A 2 -10.52 -17.64 -13.78
C MET A 2 -10.03 -17.74 -15.23
N LYS A 3 -10.73 -17.12 -16.17
CA LYS A 3 -10.32 -17.08 -17.57
C LYS A 3 -9.79 -15.64 -17.77
N HIS A 4 -8.63 -15.50 -18.41
CA HIS A 4 -8.03 -14.20 -18.62
C HIS A 4 -8.05 -13.73 -20.08
N GLY A 5 -8.39 -12.47 -20.29
CA GLY A 5 -8.42 -11.94 -21.62
C GLY A 5 -7.84 -10.54 -21.72
N ILE A 6 -7.86 -10.00 -22.93
CA ILE A 6 -7.36 -8.66 -23.13
C ILE A 6 -8.26 -8.09 -24.21
N TYR A 7 -8.51 -6.78 -24.13
CA TYR A 7 -9.32 -6.06 -25.11
C TYR A 7 -8.45 -5.80 -26.37
N TYR A 8 -9.00 -6.02 -27.57
CA TYR A 8 -8.23 -5.85 -28.79
C TYR A 8 -7.80 -4.42 -28.91
N ALA A 9 -8.58 -3.48 -28.35
CA ALA A 9 -8.23 -2.07 -28.47
C ALA A 9 -6.87 -1.63 -27.92
N TYR A 10 -6.19 -2.48 -27.19
CA TYR A 10 -4.88 -2.19 -26.67
C TYR A 10 -3.90 -1.92 -27.88
N TRP A 11 -4.22 -2.51 -29.04
CA TRP A 11 -3.37 -2.40 -30.22
C TRP A 11 -3.93 -1.52 -31.30
N GLU A 12 -5.12 -0.99 -31.08
CA GLU A 12 -5.82 -0.28 -32.15
C GLU A 12 -6.40 1.00 -31.70
N GLN A 13 -6.55 1.92 -32.65
CA GLN A 13 -7.11 3.22 -32.32
C GLN A 13 -8.57 3.47 -32.68
N GLU A 14 -9.25 2.49 -33.24
CA GLU A 14 -10.67 2.68 -33.54
C GLU A 14 -11.44 1.54 -32.91
N TRP A 15 -12.75 1.72 -32.81
CA TRP A 15 -13.61 0.73 -32.19
C TRP A 15 -14.00 -0.40 -33.15
N GLU A 16 -13.03 -0.88 -33.92
CA GLU A 16 -13.28 -1.99 -34.83
C GLU A 16 -11.94 -2.39 -35.38
N ALA A 17 -11.81 -3.63 -35.81
CA ALA A 17 -10.52 -4.05 -36.35
C ALA A 17 -10.64 -5.46 -36.89
N ASP A 18 -9.53 -5.98 -37.42
CA ASP A 18 -9.52 -7.36 -37.87
C ASP A 18 -9.41 -8.27 -36.62
N TYR A 19 -10.55 -8.58 -36.00
CA TYR A 19 -10.55 -9.45 -34.81
C TYR A 19 -9.89 -10.80 -35.02
N LYS A 20 -9.97 -11.35 -36.23
CA LYS A 20 -9.31 -12.62 -36.47
C LYS A 20 -7.79 -12.51 -36.21
N TYR A 21 -7.20 -11.43 -36.68
CA TYR A 21 -5.76 -11.20 -36.47
C TYR A 21 -5.49 -11.19 -34.94
N TYR A 22 -6.31 -10.50 -34.17
CA TYR A 22 -6.05 -10.47 -32.70
C TYR A 22 -6.30 -11.80 -31.99
N ILE A 23 -7.24 -12.58 -32.54
CA ILE A 23 -7.51 -13.90 -31.95
C ILE A 23 -6.25 -14.72 -32.11
N GLU A 24 -5.70 -14.72 -33.32
CA GLU A 24 -4.47 -15.49 -33.56
C GLU A 24 -3.38 -14.96 -32.65
N LYS A 25 -3.33 -13.65 -32.50
CA LYS A 25 -2.28 -13.10 -31.62
C LYS A 25 -2.46 -13.47 -30.12
N VAL A 26 -3.63 -13.20 -29.56
CA VAL A 26 -3.77 -13.47 -28.10
C VAL A 26 -3.67 -14.94 -27.79
N ALA A 27 -3.96 -15.77 -28.78
CA ALA A 27 -3.85 -17.20 -28.52
C ALA A 27 -2.39 -17.57 -28.39
N LYS A 28 -1.54 -17.05 -29.27
CA LYS A 28 -0.11 -17.38 -29.12
C LYS A 28 0.47 -16.75 -27.84
N LEU A 29 -0.07 -15.61 -27.41
CA LEU A 29 0.44 -14.99 -26.17
C LEU A 29 -0.07 -15.79 -24.94
N GLY A 30 -1.03 -16.70 -25.14
CA GLY A 30 -1.52 -17.52 -24.04
C GLY A 30 -2.80 -17.10 -23.30
N PHE A 31 -3.48 -16.09 -23.82
CA PHE A 31 -4.74 -15.59 -23.28
C PHE A 31 -5.89 -16.59 -23.49
N ASP A 32 -6.93 -16.49 -22.67
CA ASP A 32 -8.07 -17.40 -22.80
C ASP A 32 -9.14 -16.68 -23.60
N ILE A 33 -9.14 -15.37 -23.50
CA ILE A 33 -10.15 -14.57 -24.13
C ILE A 33 -9.65 -13.36 -24.89
N LEU A 34 -10.42 -12.98 -25.89
CA LEU A 34 -10.17 -11.74 -26.64
C LEU A 34 -11.49 -11.01 -26.49
N GLU A 35 -11.43 -9.76 -26.05
CA GLU A 35 -12.64 -8.98 -25.92
C GLU A 35 -12.60 -8.08 -27.12
N ILE A 36 -13.74 -7.93 -27.79
CA ILE A 36 -13.85 -7.12 -28.98
C ILE A 36 -14.95 -6.10 -28.79
N ALA A 37 -14.90 -5.04 -29.60
CA ALA A 37 -15.89 -3.96 -29.57
C ALA A 37 -17.11 -4.40 -30.40
N ALA A 38 -18.30 -4.07 -29.92
CA ALA A 38 -19.54 -4.47 -30.62
C ALA A 38 -19.88 -3.67 -31.85
N SER A 39 -19.46 -2.42 -31.88
CA SER A 39 -19.84 -1.56 -32.97
C SER A 39 -19.78 -2.07 -34.44
N PRO A 40 -18.76 -2.85 -34.85
CA PRO A 40 -18.81 -3.29 -36.27
C PRO A 40 -19.68 -4.51 -36.49
N LEU A 41 -20.06 -5.20 -35.41
CA LEU A 41 -20.85 -6.42 -35.54
C LEU A 41 -22.17 -6.33 -36.29
N PRO A 42 -22.90 -5.21 -36.18
CA PRO A 42 -24.16 -5.18 -36.93
C PRO A 42 -23.97 -5.13 -38.46
N PHE A 43 -22.73 -4.98 -38.90
CA PHE A 43 -22.44 -4.92 -40.33
C PHE A 43 -21.70 -6.15 -40.78
N TYR A 44 -21.83 -7.23 -40.00
CA TYR A 44 -21.21 -8.50 -40.35
C TYR A 44 -22.26 -9.38 -41.05
N SER A 45 -21.94 -9.86 -42.25
CA SER A 45 -22.83 -10.77 -42.99
C SER A 45 -22.78 -12.12 -42.27
N ASP A 46 -23.67 -13.05 -42.59
CA ASP A 46 -23.63 -14.35 -41.87
C ASP A 46 -22.31 -15.08 -41.95
N ILE A 47 -21.73 -15.14 -43.14
CA ILE A 47 -20.49 -15.87 -43.24
C ILE A 47 -19.37 -15.16 -42.46
N GLN A 48 -19.43 -13.84 -42.35
CA GLN A 48 -18.37 -13.14 -41.60
C GLN A 48 -18.49 -13.59 -40.13
N ILE A 49 -19.70 -13.58 -39.62
CA ILE A 49 -19.91 -14.01 -38.27
C ILE A 49 -19.36 -15.41 -38.07
N ASN A 50 -19.68 -16.31 -39.01
CA ASN A 50 -19.24 -17.69 -38.87
C ASN A 50 -17.74 -17.87 -38.90
N GLU A 51 -17.07 -17.06 -39.70
CA GLU A 51 -15.63 -17.12 -39.81
C GLU A 51 -14.99 -16.63 -38.51
N LEU A 52 -15.53 -15.54 -37.96
CA LEU A 52 -14.98 -15.00 -36.72
C LEU A 52 -15.12 -16.10 -35.66
N LYS A 53 -16.33 -16.63 -35.52
CA LYS A 53 -16.57 -17.72 -34.57
C LYS A 53 -15.69 -18.92 -34.85
N ALA A 54 -15.59 -19.32 -36.11
CA ALA A 54 -14.75 -20.48 -36.43
C ALA A 54 -13.30 -20.18 -36.06
N CYS A 55 -12.93 -18.90 -36.15
CA CYS A 55 -11.54 -18.51 -35.83
C CYS A 55 -11.30 -18.65 -34.32
N ALA A 56 -12.24 -18.15 -33.53
CA ALA A 56 -12.07 -18.22 -32.09
C ALA A 56 -12.02 -19.67 -31.64
N HIS A 57 -12.93 -20.48 -32.19
CA HIS A 57 -13.00 -21.88 -31.81
C HIS A 57 -11.73 -22.62 -32.15
N GLY A 58 -11.30 -22.48 -33.40
CA GLY A 58 -10.10 -23.14 -33.88
C GLY A 58 -8.88 -22.75 -33.06
N ASN A 59 -8.86 -21.53 -32.52
CA ASN A 59 -7.74 -21.10 -31.70
C ASN A 59 -7.91 -21.27 -30.21
N GLY A 60 -9.01 -21.89 -29.81
CA GLY A 60 -9.24 -22.13 -28.40
C GLY A 60 -9.44 -20.83 -27.64
N ILE A 61 -10.02 -19.85 -28.30
CA ILE A 61 -10.25 -18.56 -27.69
C ILE A 61 -11.75 -18.28 -27.54
N THR A 62 -12.11 -17.67 -26.41
CA THR A 62 -13.51 -17.29 -26.12
C THR A 62 -13.62 -15.81 -26.36
N LEU A 63 -14.68 -15.39 -27.05
CA LEU A 63 -14.89 -13.98 -27.31
C LEU A 63 -15.87 -13.33 -26.33
N THR A 64 -15.50 -12.15 -25.84
CA THR A 64 -16.41 -11.38 -25.02
C THR A 64 -16.57 -10.03 -25.73
N VAL A 65 -17.59 -9.30 -25.38
CA VAL A 65 -17.84 -8.07 -26.06
C VAL A 65 -18.04 -6.87 -25.13
N GLY A 66 -17.46 -5.76 -25.53
CA GLY A 66 -17.64 -4.53 -24.79
C GLY A 66 -18.35 -3.57 -25.72
N HIS A 67 -19.03 -2.57 -25.17
CA HIS A 67 -19.69 -1.56 -26.00
C HIS A 67 -19.94 -0.25 -25.25
N GLY A 68 -19.54 0.87 -25.86
CA GLY A 68 -19.80 2.18 -25.29
C GLY A 68 -20.91 2.62 -26.23
N PRO A 69 -22.19 2.60 -25.79
CA PRO A 69 -23.32 2.99 -26.66
C PRO A 69 -23.34 4.45 -27.08
N SER A 70 -23.87 4.71 -28.28
CA SER A 70 -23.96 6.08 -28.81
C SER A 70 -25.17 6.72 -28.16
N ALA A 71 -25.34 8.02 -28.36
CA ALA A 71 -26.50 8.69 -27.79
C ALA A 71 -27.77 8.12 -28.40
N GLU A 72 -27.73 7.66 -29.64
CA GLU A 72 -28.93 7.08 -30.27
C GLU A 72 -29.25 5.70 -29.72
N GLN A 73 -28.31 5.09 -29.02
CA GLN A 73 -28.56 3.77 -28.46
C GLN A 73 -28.80 3.83 -26.94
N ASN A 74 -29.09 5.03 -26.43
CA ASN A 74 -29.26 5.28 -24.99
C ASN A 74 -30.54 4.73 -24.35
N LEU A 75 -30.45 3.53 -23.80
CA LEU A 75 -31.60 2.90 -23.18
C LEU A 75 -32.27 3.72 -22.06
N SER A 76 -31.59 4.75 -21.57
CA SER A 76 -32.12 5.56 -20.49
C SER A 76 -32.72 6.85 -21.00
N SER A 77 -32.67 7.07 -22.31
CA SER A 77 -33.19 8.34 -22.83
C SER A 77 -34.65 8.70 -22.55
N PRO A 78 -34.90 9.98 -22.28
CA PRO A 78 -36.26 10.45 -22.00
C PRO A 78 -37.12 10.35 -23.27
N ASP A 79 -36.47 10.51 -24.42
CA ASP A 79 -37.11 10.41 -25.72
C ASP A 79 -37.46 8.94 -26.01
N PRO A 80 -38.75 8.60 -26.02
CA PRO A 80 -39.30 7.25 -26.25
C PRO A 80 -38.86 6.57 -27.56
N ASP A 81 -38.51 7.37 -28.56
CA ASP A 81 -38.08 6.85 -29.83
C ASP A 81 -36.63 6.38 -29.80
N ILE A 82 -35.83 7.09 -29.02
CA ILE A 82 -34.43 6.73 -28.88
C ILE A 82 -34.41 5.40 -28.13
N ARG A 83 -35.24 5.29 -27.10
CA ARG A 83 -35.32 4.06 -26.33
C ARG A 83 -35.74 2.92 -27.23
N LYS A 84 -36.70 3.19 -28.11
CA LYS A 84 -37.19 2.17 -29.04
C LYS A 84 -36.09 1.72 -30.01
N ASN A 85 -35.36 2.69 -30.57
CA ASN A 85 -34.26 2.42 -31.50
C ASN A 85 -33.18 1.65 -30.74
N ALA A 86 -32.95 2.04 -29.50
CA ALA A 86 -31.94 1.42 -28.66
C ALA A 86 -32.27 -0.05 -28.43
N LYS A 87 -33.52 -0.33 -28.07
CA LYS A 87 -33.94 -1.69 -27.81
C LYS A 87 -33.80 -2.52 -29.07
N ALA A 88 -34.13 -1.92 -30.21
CA ALA A 88 -34.02 -2.67 -31.47
C ALA A 88 -32.56 -2.90 -31.81
N PHE A 89 -31.68 -1.98 -31.42
CA PHE A 89 -30.24 -2.14 -31.68
C PHE A 89 -29.77 -3.30 -30.82
N TYR A 90 -30.07 -3.25 -29.53
CA TYR A 90 -29.61 -4.33 -28.67
C TYR A 90 -30.19 -5.69 -29.07
N THR A 91 -31.48 -5.73 -29.45
CA THR A 91 -32.07 -7.00 -29.84
C THR A 91 -31.35 -7.63 -31.02
N ASP A 92 -31.08 -6.82 -32.04
CA ASP A 92 -30.35 -7.31 -33.20
C ASP A 92 -28.92 -7.70 -32.79
N LEU A 93 -28.29 -6.89 -31.94
CA LEU A 93 -26.93 -7.18 -31.52
C LEU A 93 -26.83 -8.51 -30.76
N LEU A 94 -27.75 -8.69 -29.81
CA LEU A 94 -27.75 -9.90 -29.01
C LEU A 94 -27.94 -11.15 -29.88
N LYS A 95 -28.75 -11.07 -30.92
CA LYS A 95 -28.95 -12.19 -31.81
C LYS A 95 -27.66 -12.46 -32.58
N ARG A 96 -26.94 -11.40 -32.94
CA ARG A 96 -25.66 -11.56 -33.64
C ARG A 96 -24.69 -12.23 -32.66
N LEU A 97 -24.77 -11.86 -31.38
CA LEU A 97 -23.89 -12.51 -30.38
C LEU A 97 -24.22 -13.99 -30.27
N TYR A 98 -25.50 -14.32 -30.41
CA TYR A 98 -25.87 -15.73 -30.35
C TYR A 98 -25.22 -16.45 -31.53
N LYS A 99 -25.31 -15.88 -32.72
CA LYS A 99 -24.70 -16.52 -33.88
C LYS A 99 -23.19 -16.63 -33.70
N LEU A 100 -22.60 -15.70 -32.94
CA LEU A 100 -21.15 -15.75 -32.70
C LEU A 100 -20.69 -16.68 -31.58
N ASP A 101 -21.64 -17.24 -30.83
CA ASP A 101 -21.32 -18.09 -29.69
C ASP A 101 -20.66 -17.24 -28.60
N VAL A 102 -21.11 -16.00 -28.50
CA VAL A 102 -20.63 -15.07 -27.49
C VAL A 102 -21.67 -15.03 -26.35
N HIS A 103 -21.22 -15.06 -25.11
CA HIS A 103 -22.20 -15.08 -24.02
C HIS A 103 -22.04 -13.99 -22.98
N LEU A 104 -21.29 -12.95 -23.33
CA LEU A 104 -21.12 -11.85 -22.39
C LEU A 104 -20.91 -10.53 -23.10
N ILE A 105 -21.71 -9.53 -22.73
CA ILE A 105 -21.52 -8.18 -23.25
C ILE A 105 -21.43 -7.27 -22.01
N GLY A 106 -20.57 -6.26 -22.09
CA GLY A 106 -20.39 -5.38 -20.94
C GLY A 106 -20.09 -3.97 -21.37
N GLY A 107 -20.13 -3.06 -20.43
CA GLY A 107 -19.89 -1.65 -20.72
C GLY A 107 -21.02 -0.84 -20.07
N ALA A 108 -21.16 0.42 -20.47
CA ALA A 108 -22.19 1.32 -19.94
C ALA A 108 -23.48 1.05 -20.71
N LEU A 109 -23.93 -0.18 -20.68
CA LEU A 109 -25.12 -0.60 -21.39
C LEU A 109 -26.43 0.05 -20.91
N TYR A 110 -26.44 0.56 -19.67
CA TYR A 110 -27.59 1.24 -19.07
C TYR A 110 -27.59 2.74 -19.38
N SER A 111 -26.78 3.16 -20.34
CA SER A 111 -26.69 4.58 -20.62
C SER A 111 -26.02 4.67 -22.02
N TYR A 112 -25.05 5.56 -22.18
CA TYR A 112 -24.29 5.70 -23.42
C TYR A 112 -22.91 6.26 -22.99
N TRP A 113 -21.92 6.22 -23.87
CA TRP A 113 -20.57 6.64 -23.51
C TRP A 113 -19.79 6.97 -24.78
N PRO A 114 -19.03 8.05 -24.78
CA PRO A 114 -18.82 8.99 -23.66
C PRO A 114 -20.08 9.86 -23.42
N ILE A 115 -20.26 10.31 -22.19
CA ILE A 115 -21.39 11.13 -21.78
C ILE A 115 -21.09 12.54 -22.24
N ASP A 116 -22.09 13.21 -22.77
CA ASP A 116 -21.94 14.60 -23.19
C ASP A 116 -22.35 15.39 -21.95
N TYR A 117 -21.37 15.89 -21.21
CA TYR A 117 -21.70 16.63 -19.99
C TYR A 117 -22.14 18.07 -20.27
N THR A 118 -22.12 18.42 -21.54
CA THR A 118 -22.56 19.72 -21.99
C THR A 118 -24.06 19.86 -21.69
N LYS A 119 -24.77 18.73 -21.69
CA LYS A 119 -26.21 18.70 -21.44
C LYS A 119 -26.62 18.64 -19.95
N THR A 120 -27.88 18.98 -19.69
CA THR A 120 -28.45 18.97 -18.33
C THR A 120 -28.64 17.51 -17.89
N ILE A 121 -28.38 17.24 -16.61
CA ILE A 121 -28.47 15.89 -16.08
C ILE A 121 -29.70 15.59 -15.23
N ASP A 122 -30.47 14.58 -15.61
CA ASP A 122 -31.64 14.15 -14.82
C ASP A 122 -31.36 12.71 -14.39
N LYS A 123 -30.57 12.56 -13.33
CA LYS A 123 -30.20 11.25 -12.85
C LYS A 123 -31.38 10.41 -12.43
N LYS A 124 -32.19 10.92 -11.50
CA LYS A 124 -33.33 10.14 -11.03
C LYS A 124 -34.21 9.63 -12.18
N GLY A 125 -34.42 10.49 -13.17
CA GLY A 125 -35.25 10.10 -14.30
C GLY A 125 -34.58 9.01 -15.11
N ASP A 126 -33.39 9.31 -15.60
CA ASP A 126 -32.61 8.37 -16.40
C ASP A 126 -32.48 7.03 -15.70
N TRP A 127 -32.24 7.05 -14.38
CA TRP A 127 -32.14 5.82 -13.62
C TRP A 127 -33.42 5.00 -13.79
N GLU A 128 -34.57 5.62 -13.54
CA GLU A 128 -35.89 4.94 -13.66
C GLU A 128 -36.11 4.38 -15.07
N ARG A 129 -35.93 5.22 -16.07
CA ARG A 129 -36.11 4.75 -17.43
C ARG A 129 -35.11 3.62 -17.72
N SER A 130 -33.87 3.78 -17.25
CA SER A 130 -32.87 2.75 -17.54
C SER A 130 -33.23 1.39 -17.00
N VAL A 131 -33.54 1.33 -15.71
CA VAL A 131 -33.93 0.10 -15.07
C VAL A 131 -35.02 -0.61 -15.90
N GLU A 132 -36.02 0.13 -16.35
CA GLU A 132 -37.09 -0.48 -17.14
C GLU A 132 -36.60 -0.97 -18.50
N SER A 133 -35.84 -0.15 -19.21
CA SER A 133 -35.32 -0.57 -20.50
C SER A 133 -34.44 -1.83 -20.36
N VAL A 134 -33.53 -1.81 -19.39
CA VAL A 134 -32.63 -2.93 -19.19
C VAL A 134 -33.40 -4.20 -18.88
N ARG A 135 -34.49 -4.04 -18.14
CA ARG A 135 -35.33 -5.17 -17.80
C ARG A 135 -35.77 -5.90 -19.05
N GLU A 136 -36.29 -5.17 -20.03
CA GLU A 136 -36.73 -5.88 -21.21
C GLU A 136 -35.61 -6.38 -22.10
N VAL A 137 -34.53 -5.60 -22.25
CA VAL A 137 -33.41 -6.08 -23.07
C VAL A 137 -32.88 -7.35 -22.46
N ALA A 138 -32.96 -7.45 -21.13
CA ALA A 138 -32.46 -8.64 -20.45
C ALA A 138 -33.15 -9.91 -20.88
N LYS A 139 -34.43 -9.80 -21.25
CA LYS A 139 -35.20 -10.98 -21.67
C LYS A 139 -34.59 -11.49 -22.97
N VAL A 140 -34.25 -10.56 -23.84
CA VAL A 140 -33.66 -10.93 -25.09
C VAL A 140 -32.28 -11.55 -24.86
N ALA A 141 -31.47 -10.93 -24.01
CA ALA A 141 -30.13 -11.53 -23.78
C ALA A 141 -30.26 -12.95 -23.26
N GLU A 142 -31.14 -13.11 -22.27
CA GLU A 142 -31.36 -14.42 -21.69
C GLU A 142 -31.70 -15.45 -22.74
N ALA A 143 -32.61 -15.08 -23.65
CA ALA A 143 -33.01 -15.99 -24.71
C ALA A 143 -31.82 -16.28 -25.60
N CYS A 144 -30.90 -15.32 -25.68
CA CYS A 144 -29.72 -15.49 -26.50
C CYS A 144 -28.56 -16.13 -25.76
N GLY A 145 -28.74 -16.41 -24.47
CA GLY A 145 -27.66 -17.02 -23.70
C GLY A 145 -26.52 -16.03 -23.41
N VAL A 146 -26.86 -14.75 -23.29
CA VAL A 146 -25.90 -13.70 -23.03
C VAL A 146 -26.10 -13.02 -21.68
N ASP A 147 -25.01 -12.89 -20.91
CA ASP A 147 -25.06 -12.16 -19.63
C ASP A 147 -24.84 -10.71 -20.01
N PHE A 148 -25.69 -9.82 -19.46
CA PHE A 148 -25.71 -8.38 -19.74
C PHE A 148 -25.02 -7.74 -18.54
N CYS A 149 -23.75 -7.36 -18.72
CA CYS A 149 -22.99 -6.81 -17.61
C CYS A 149 -22.97 -5.29 -17.54
N LEU A 150 -23.34 -4.73 -16.39
CA LEU A 150 -23.42 -3.28 -16.26
C LEU A 150 -22.20 -2.82 -15.55
N GLU A 151 -21.35 -2.14 -16.30
CA GLU A 151 -20.08 -1.67 -15.75
C GLU A 151 -20.17 -0.39 -14.95
N VAL A 152 -19.62 -0.42 -13.76
CA VAL A 152 -19.56 0.75 -12.89
C VAL A 152 -18.41 1.67 -13.40
N LEU A 153 -18.71 2.92 -13.75
CA LEU A 153 -17.72 3.85 -14.24
C LEU A 153 -17.49 5.05 -13.31
N ASN A 154 -16.33 5.71 -13.50
CA ASN A 154 -16.01 6.84 -12.70
C ASN A 154 -16.93 8.01 -13.12
N ARG A 155 -16.99 9.03 -12.28
CA ARG A 155 -17.84 10.21 -12.46
C ARG A 155 -17.67 11.01 -13.75
N PHE A 156 -16.48 11.01 -14.33
CA PHE A 156 -16.22 11.75 -15.56
C PHE A 156 -16.72 11.04 -16.82
N GLU A 157 -17.08 9.77 -16.72
CA GLU A 157 -17.53 9.01 -17.89
C GLU A 157 -19.02 8.60 -17.81
N ASN A 158 -19.63 8.85 -16.66
CA ASN A 158 -21.05 8.55 -16.45
C ASN A 158 -21.53 9.04 -15.08
N TYR A 159 -22.83 9.24 -14.93
CA TYR A 159 -23.39 9.74 -13.67
C TYR A 159 -24.42 8.83 -13.01
N LEU A 160 -24.78 7.73 -13.67
CA LEU A 160 -25.78 6.82 -13.09
C LEU A 160 -25.27 5.79 -12.08
N ILE A 161 -24.14 5.17 -12.40
CA ILE A 161 -23.55 4.11 -11.58
C ILE A 161 -22.04 4.34 -11.46
N ASN A 162 -21.62 4.95 -10.33
CA ASN A 162 -20.25 5.29 -10.04
C ASN A 162 -19.56 4.40 -9.00
N THR A 163 -20.29 3.58 -8.25
CA THR A 163 -19.64 2.72 -7.25
C THR A 163 -20.30 1.37 -7.28
N ALA A 164 -19.64 0.37 -6.72
CA ALA A 164 -20.22 -0.98 -6.73
C ALA A 164 -21.58 -1.05 -6.01
N GLN A 165 -21.77 -0.23 -4.99
CA GLN A 165 -23.05 -0.22 -4.26
C GLN A 165 -24.16 0.27 -5.20
N GLU A 166 -23.90 1.30 -5.98
CA GLU A 166 -24.90 1.78 -6.93
C GLU A 166 -25.20 0.73 -7.99
N GLY A 167 -24.17 -0.02 -8.39
CA GLY A 167 -24.32 -1.06 -9.40
C GLY A 167 -25.17 -2.20 -8.84
N VAL A 168 -24.90 -2.57 -7.59
CA VAL A 168 -25.68 -3.63 -6.96
C VAL A 168 -27.13 -3.13 -6.82
N ASP A 169 -27.31 -1.88 -6.41
CA ASP A 169 -28.66 -1.29 -6.27
C ASP A 169 -29.37 -1.30 -7.61
N PHE A 170 -28.71 -0.79 -8.63
CA PHE A 170 -29.34 -0.79 -9.93
C PHE A 170 -29.68 -2.21 -10.38
N VAL A 171 -28.74 -3.14 -10.22
CA VAL A 171 -28.99 -4.51 -10.65
C VAL A 171 -30.09 -5.24 -9.84
N LYS A 172 -30.19 -4.94 -8.54
CA LYS A 172 -31.23 -5.59 -7.73
C LYS A 172 -32.59 -5.09 -8.22
N GLN A 173 -32.67 -3.80 -8.54
CA GLN A 173 -33.90 -3.21 -9.06
C GLN A 173 -34.26 -3.87 -10.38
N VAL A 174 -33.26 -4.10 -11.24
CA VAL A 174 -33.55 -4.72 -12.52
C VAL A 174 -34.13 -6.06 -12.20
N ASP A 175 -33.50 -6.75 -11.28
CA ASP A 175 -33.97 -8.05 -10.83
C ASP A 175 -34.20 -9.10 -11.94
N HIS A 176 -33.13 -9.40 -12.67
CA HIS A 176 -33.14 -10.45 -13.70
C HIS A 176 -31.82 -11.22 -13.56
N ASN A 177 -31.90 -12.53 -13.46
CA ASN A 177 -30.72 -13.40 -13.25
C ASN A 177 -29.51 -13.15 -14.18
N ASN A 178 -29.74 -12.83 -15.45
CA ASN A 178 -28.62 -12.69 -16.36
C ASN A 178 -28.07 -11.27 -16.47
N VAL A 179 -28.48 -10.38 -15.55
CA VAL A 179 -28.00 -9.01 -15.55
C VAL A 179 -27.04 -8.89 -14.35
N LYS A 180 -25.78 -8.51 -14.61
CA LYS A 180 -24.80 -8.39 -13.53
C LYS A 180 -24.10 -7.09 -13.38
N VAL A 181 -23.33 -6.98 -12.31
CA VAL A 181 -22.51 -5.82 -12.04
C VAL A 181 -21.13 -6.17 -12.65
N MET A 182 -20.42 -5.17 -13.13
CA MET A 182 -19.09 -5.33 -13.71
C MET A 182 -18.20 -4.25 -13.13
N LEU A 183 -17.07 -4.65 -12.58
CA LEU A 183 -16.15 -3.70 -11.96
C LEU A 183 -14.94 -3.57 -12.87
N ASP A 184 -14.23 -2.46 -12.69
CA ASP A 184 -13.05 -2.14 -13.47
C ASP A 184 -12.08 -1.44 -12.51
N THR A 185 -10.89 -2.01 -12.36
CA THR A 185 -9.88 -1.50 -11.44
C THR A 185 -9.56 -0.04 -11.68
N PHE A 186 -9.64 0.41 -12.92
CA PHE A 186 -9.35 1.80 -13.22
C PHE A 186 -10.49 2.74 -12.70
N HIS A 187 -11.73 2.28 -12.80
CA HIS A 187 -12.85 3.11 -12.35
C HIS A 187 -12.99 3.01 -10.83
N MET A 188 -12.78 1.82 -10.26
CA MET A 188 -12.84 1.66 -8.81
C MET A 188 -11.74 2.51 -8.16
N ASN A 189 -10.59 2.59 -8.81
CA ASN A 189 -9.46 3.33 -8.25
C ASN A 189 -9.76 4.79 -7.91
N ILE A 190 -10.76 5.32 -8.59
CA ILE A 190 -11.19 6.68 -8.42
C ILE A 190 -12.34 6.78 -7.43
N GLU A 191 -13.43 6.05 -7.63
CA GLU A 191 -14.60 6.18 -6.78
C GLU A 191 -14.78 5.44 -5.46
N GLU A 192 -14.20 4.25 -5.32
CA GLU A 192 -14.35 3.42 -4.16
C GLU A 192 -13.52 3.79 -2.93
N ASP A 193 -14.13 3.63 -1.74
CA ASP A 193 -13.39 3.90 -0.51
C ASP A 193 -12.42 2.72 -0.33
N SER A 194 -12.92 1.53 -0.62
CA SER A 194 -12.17 0.28 -0.48
C SER A 194 -12.19 -0.58 -1.77
N ILE A 195 -11.04 -1.11 -2.22
CA ILE A 195 -11.10 -1.94 -3.43
C ILE A 195 -11.66 -3.30 -3.09
N GLY A 196 -11.11 -3.96 -2.07
CA GLY A 196 -11.63 -5.25 -1.65
C GLY A 196 -13.08 -5.08 -1.21
N GLY A 197 -13.37 -3.98 -0.52
CA GLY A 197 -14.75 -3.76 -0.11
C GLY A 197 -15.70 -3.71 -1.30
N ALA A 198 -15.33 -2.96 -2.35
CA ALA A 198 -16.18 -2.86 -3.54
C ALA A 198 -16.46 -4.23 -4.16
N ILE A 199 -15.43 -5.07 -4.23
CA ILE A 199 -15.61 -6.40 -4.79
C ILE A 199 -16.51 -7.25 -3.88
N ARG A 200 -16.28 -7.18 -2.57
CA ARG A 200 -17.12 -7.96 -1.64
C ARG A 200 -18.55 -7.41 -1.72
N THR A 201 -18.69 -6.11 -1.90
CA THR A 201 -20.00 -5.52 -2.04
C THR A 201 -20.68 -6.09 -3.29
N ALA A 202 -19.95 -6.14 -4.42
CA ALA A 202 -20.52 -6.70 -5.65
C ALA A 202 -20.87 -8.16 -5.42
N GLY A 203 -19.94 -8.89 -4.82
CA GLY A 203 -20.14 -10.30 -4.52
C GLY A 203 -20.80 -11.16 -5.58
N SER A 204 -21.87 -11.84 -5.19
CA SER A 204 -22.55 -12.75 -6.08
C SER A 204 -23.03 -12.11 -7.36
N TYR A 205 -23.12 -10.79 -7.40
CA TYR A 205 -23.58 -10.13 -8.61
C TYR A 205 -22.49 -9.86 -9.64
N LEU A 206 -21.23 -9.86 -9.22
CA LEU A 206 -20.11 -9.54 -10.12
C LEU A 206 -20.09 -10.47 -11.31
N GLY A 207 -20.27 -9.97 -12.53
CA GLY A 207 -20.23 -10.89 -13.64
C GLY A 207 -19.06 -10.71 -14.61
N HIS A 208 -18.26 -9.67 -14.42
CA HIS A 208 -17.13 -9.42 -15.30
C HIS A 208 -16.25 -8.42 -14.58
N LEU A 209 -14.94 -8.48 -14.90
CA LEU A 209 -13.94 -7.61 -14.30
C LEU A 209 -12.96 -7.15 -15.37
N HIS A 210 -12.77 -5.84 -15.45
CA HIS A 210 -11.82 -5.26 -16.35
C HIS A 210 -10.63 -4.87 -15.48
N THR A 211 -9.42 -5.00 -16.04
CA THR A 211 -8.24 -4.61 -15.29
C THR A 211 -7.34 -3.61 -16.05
N GLY A 212 -6.62 -2.82 -15.28
CA GLY A 212 -5.72 -1.83 -15.82
C GLY A 212 -5.19 -1.06 -14.65
N GLU A 213 -4.00 -0.47 -14.81
CA GLU A 213 -3.41 0.30 -13.74
C GLU A 213 -4.18 1.61 -13.59
N CYS A 214 -3.78 2.42 -12.61
CA CYS A 214 -4.47 3.68 -12.38
C CYS A 214 -4.54 4.58 -13.60
N ASN A 215 -3.49 4.55 -14.42
CA ASN A 215 -3.46 5.39 -15.57
C ASN A 215 -3.63 4.54 -16.85
N ARG A 216 -4.11 3.32 -16.66
CA ARG A 216 -4.47 2.40 -17.75
C ARG A 216 -3.38 1.64 -18.47
N LYS A 217 -2.22 1.52 -17.82
CA LYS A 217 -1.12 0.73 -18.36
C LYS A 217 -1.49 -0.71 -18.03
N VAL A 218 -0.74 -1.68 -18.57
CA VAL A 218 -1.01 -3.08 -18.29
C VAL A 218 -0.87 -3.37 -16.78
N PRO A 219 -1.69 -4.29 -16.26
CA PRO A 219 -1.71 -4.68 -14.85
C PRO A 219 -0.34 -5.13 -14.33
N GLY A 220 0.03 -4.66 -13.12
CA GLY A 220 1.26 -5.13 -12.52
C GLY A 220 2.35 -4.19 -12.06
N ARG A 221 2.63 -3.15 -12.79
CA ARG A 221 3.72 -2.29 -12.39
C ARG A 221 3.29 -0.94 -11.81
N GLY A 222 1.98 -0.78 -11.58
CA GLY A 222 1.46 0.48 -11.05
C GLY A 222 1.03 0.39 -9.59
N ARG A 223 0.05 1.19 -9.21
CA ARG A 223 -0.40 1.23 -7.82
C ARG A 223 -1.67 0.48 -7.48
N ILE A 224 -2.27 -0.18 -8.46
CA ILE A 224 -3.49 -0.92 -8.15
C ILE A 224 -3.16 -2.04 -7.18
N PRO A 225 -3.97 -2.20 -6.13
CA PRO A 225 -3.70 -3.25 -5.15
C PRO A 225 -4.13 -4.67 -5.60
N TRP A 226 -3.41 -5.20 -6.60
CA TRP A 226 -3.71 -6.52 -7.16
C TRP A 226 -3.88 -7.65 -6.16
N VAL A 227 -2.97 -7.73 -5.19
CA VAL A 227 -3.08 -8.80 -4.18
C VAL A 227 -4.39 -8.67 -3.41
N GLU A 228 -4.78 -7.46 -3.08
CA GLU A 228 -6.00 -7.25 -2.34
C GLU A 228 -7.17 -7.68 -3.23
N ILE A 229 -7.06 -7.39 -4.52
CA ILE A 229 -8.12 -7.78 -5.45
C ILE A 229 -8.23 -9.29 -5.48
N GLY A 230 -7.09 -9.98 -5.61
CA GLY A 230 -7.11 -11.42 -5.62
C GLY A 230 -7.78 -12.04 -4.37
N GLU A 231 -7.51 -11.47 -3.19
CA GLU A 231 -8.13 -12.02 -1.97
C GLU A 231 -9.60 -11.82 -2.02
N ALA A 232 -10.02 -10.62 -2.40
CA ALA A 232 -11.43 -10.33 -2.46
C ALA A 232 -12.19 -11.19 -3.50
N LEU A 233 -11.58 -11.46 -4.66
CA LEU A 233 -12.28 -12.28 -5.65
C LEU A 233 -12.36 -13.67 -5.05
N ALA A 234 -11.33 -14.04 -4.29
CA ALA A 234 -11.38 -15.36 -3.66
C ALA A 234 -12.50 -15.33 -2.56
N ASP A 235 -12.60 -14.24 -1.82
CA ASP A 235 -13.65 -14.18 -0.78
C ASP A 235 -15.03 -14.36 -1.38
N ILE A 236 -15.29 -13.76 -2.54
CA ILE A 236 -16.60 -13.92 -3.14
C ILE A 236 -16.75 -15.11 -4.10
N GLY A 237 -15.74 -15.96 -4.18
CA GLY A 237 -15.81 -17.11 -5.05
C GLY A 237 -15.92 -16.76 -6.53
N TYR A 238 -15.42 -15.60 -6.93
CA TYR A 238 -15.52 -15.21 -8.33
C TYR A 238 -14.96 -16.27 -9.29
N ASN A 239 -15.85 -16.82 -10.11
CA ASN A 239 -15.53 -17.86 -11.11
C ASN A 239 -15.10 -17.30 -12.45
N GLY A 240 -15.68 -16.15 -12.78
CA GLY A 240 -15.51 -15.47 -14.04
C GLY A 240 -14.23 -15.14 -14.77
N SER A 241 -14.41 -14.20 -15.68
CA SER A 241 -13.37 -13.75 -16.56
C SER A 241 -12.80 -12.42 -16.07
N VAL A 242 -11.52 -12.24 -16.38
CA VAL A 242 -10.78 -11.06 -16.02
C VAL A 242 -10.15 -10.57 -17.30
N VAL A 243 -10.57 -9.40 -17.76
CA VAL A 243 -10.05 -8.87 -19.01
C VAL A 243 -9.30 -7.58 -18.83
N MET A 244 -8.02 -7.61 -19.11
CA MET A 244 -7.22 -6.40 -19.02
C MET A 244 -7.58 -5.51 -20.23
N GLU A 245 -7.67 -4.22 -19.97
CA GLU A 245 -8.05 -3.25 -20.96
C GLU A 245 -6.99 -2.10 -20.98
N PRO A 246 -5.74 -2.42 -21.29
CA PRO A 246 -4.80 -1.28 -21.29
C PRO A 246 -4.98 -0.35 -22.46
N PHE A 247 -4.80 0.96 -22.20
CA PHE A 247 -4.89 1.95 -23.25
C PHE A 247 -3.62 2.79 -23.12
N VAL A 248 -2.63 2.54 -23.97
CA VAL A 248 -1.39 3.30 -23.82
C VAL A 248 -0.95 4.15 -25.01
N ARG A 249 -1.81 4.26 -26.02
CA ARG A 249 -1.47 4.99 -27.24
C ARG A 249 -2.42 6.13 -27.54
N MET A 250 -1.86 7.23 -28.01
CA MET A 250 -2.65 8.40 -28.37
C MET A 250 -3.19 8.17 -29.76
N GLY A 251 -4.12 9.01 -30.18
CA GLY A 251 -4.62 8.88 -31.53
C GLY A 251 -5.95 8.21 -31.75
N GLY A 252 -6.69 8.71 -32.75
CA GLY A 252 -7.95 8.13 -33.14
C GLY A 252 -9.08 8.31 -32.15
N THR A 253 -10.19 7.65 -32.45
CA THR A 253 -11.39 7.70 -31.61
C THR A 253 -11.07 7.07 -30.24
N VAL A 254 -10.25 6.03 -30.25
CA VAL A 254 -9.89 5.35 -29.03
C VAL A 254 -9.08 6.29 -28.13
N GLY A 255 -8.05 6.89 -28.72
CA GLY A 255 -7.21 7.82 -28.01
C GLY A 255 -8.02 8.98 -27.46
N SER A 256 -8.93 9.50 -28.27
CA SER A 256 -9.75 10.62 -27.87
C SER A 256 -10.80 10.23 -26.83
N ASN A 257 -11.49 9.09 -26.99
CA ASN A 257 -12.50 8.74 -26.00
C ASN A 257 -11.89 8.38 -24.65
N ILE A 258 -10.77 7.65 -24.66
CA ILE A 258 -10.13 7.25 -23.43
C ILE A 258 -9.28 8.41 -22.83
N LYS A 259 -9.06 9.45 -23.64
CA LYS A 259 -8.31 10.64 -23.25
C LYS A 259 -6.84 10.43 -22.91
N VAL A 260 -6.13 9.81 -23.84
CA VAL A 260 -4.71 9.52 -23.72
C VAL A 260 -4.07 10.71 -24.40
N TRP A 261 -3.49 11.61 -23.60
CA TRP A 261 -2.93 12.83 -24.14
C TRP A 261 -1.42 12.92 -24.12
N ARG A 262 -0.76 11.78 -23.96
CA ARG A 262 0.68 11.70 -23.91
C ARG A 262 0.95 10.25 -24.26
N ASP A 263 2.16 9.97 -24.72
CA ASP A 263 2.48 8.61 -25.11
C ASP A 263 2.85 7.74 -23.97
N ILE A 264 1.81 7.24 -23.31
CA ILE A 264 1.99 6.36 -22.21
C ILE A 264 2.74 5.09 -22.61
N SER A 265 2.61 4.64 -23.84
CA SER A 265 3.32 3.41 -24.24
C SER A 265 4.81 3.62 -24.39
N ASN A 266 5.23 4.86 -24.38
CA ASN A 266 6.66 5.12 -24.51
C ASN A 266 7.27 4.61 -25.81
N GLY A 267 6.66 4.92 -26.94
CA GLY A 267 7.19 4.46 -28.21
C GLY A 267 7.22 2.95 -28.49
N ALA A 268 6.50 2.15 -27.71
CA ALA A 268 6.50 0.72 -27.96
C ALA A 268 5.98 0.34 -29.34
N ASP A 269 6.61 -0.62 -30.01
CA ASP A 269 6.07 -1.05 -31.29
C ASP A 269 5.17 -2.23 -30.94
N GLU A 270 4.57 -2.84 -31.95
CA GLU A 270 3.65 -3.93 -31.73
C GLU A 270 4.24 -5.08 -30.93
N LYS A 271 5.45 -5.49 -31.29
CA LYS A 271 6.08 -6.56 -30.59
C LYS A 271 6.32 -6.22 -29.12
N MET A 272 6.64 -4.96 -28.86
CA MET A 272 6.89 -4.57 -27.47
C MET A 272 5.57 -4.67 -26.69
N LEU A 273 4.51 -4.21 -27.33
CA LEU A 273 3.16 -4.22 -26.80
C LEU A 273 2.76 -5.65 -26.42
N ASP A 274 3.09 -6.59 -27.31
CA ASP A 274 2.78 -8.01 -27.10
C ASP A 274 3.49 -8.56 -25.89
N ARG A 275 4.79 -8.27 -25.80
CA ARG A 275 5.57 -8.79 -24.69
C ARG A 275 5.03 -8.28 -23.35
N GLU A 276 4.62 -7.01 -23.28
CA GLU A 276 4.08 -6.49 -22.00
C GLU A 276 2.72 -7.12 -21.66
N ALA A 277 1.87 -7.26 -22.66
CA ALA A 277 0.58 -7.85 -22.43
C ALA A 277 0.82 -9.26 -21.91
N GLN A 278 1.78 -9.96 -22.49
CA GLN A 278 2.03 -11.33 -22.02
C GLN A 278 2.59 -11.40 -20.61
N ALA A 279 3.48 -10.46 -20.29
CA ALA A 279 4.04 -10.43 -18.93
C ALA A 279 2.92 -10.08 -17.93
N ALA A 280 2.02 -9.20 -18.34
CA ALA A 280 0.91 -8.77 -17.49
C ALA A 280 -0.09 -9.93 -17.35
N LEU A 281 -0.16 -10.79 -18.36
CA LEU A 281 -1.05 -11.96 -18.31
C LEU A 281 -0.47 -12.90 -17.25
N ASP A 282 0.83 -13.15 -17.32
CA ASP A 282 1.49 -14.05 -16.38
C ASP A 282 1.36 -13.51 -14.96
N PHE A 283 1.56 -12.21 -14.84
CA PHE A 283 1.43 -11.56 -13.54
C PHE A 283 0.00 -11.74 -13.02
N SER A 284 -1.01 -11.48 -13.86
CA SER A 284 -2.41 -11.60 -13.44
C SER A 284 -2.77 -12.99 -12.99
N ARG A 285 -2.32 -14.01 -13.74
CA ARG A 285 -2.59 -15.39 -13.34
C ARG A 285 -1.91 -15.73 -12.01
N TYR A 286 -0.69 -15.24 -11.83
CA TYR A 286 0.04 -15.54 -10.61
C TYR A 286 -0.56 -14.83 -9.38
N VAL A 287 -0.76 -13.52 -9.48
CA VAL A 287 -1.26 -12.76 -8.33
C VAL A 287 -2.76 -12.84 -8.05
N LEU A 288 -3.59 -12.83 -9.08
CA LEU A 288 -5.02 -12.84 -8.88
C LEU A 288 -5.69 -14.17 -8.56
N GLU A 289 -4.99 -15.29 -8.73
CA GLU A 289 -5.67 -16.57 -8.51
C GLU A 289 -5.35 -17.35 -7.27
N CYS A 290 -6.30 -18.22 -6.91
CA CYS A 290 -6.20 -19.15 -5.78
C CYS A 290 -5.99 -18.51 -4.40
N HIS A 291 -6.76 -17.47 -4.10
CA HIS A 291 -6.68 -16.79 -2.81
C HIS A 291 -5.53 -15.78 -2.72
N MET B 2 19.81 -6.28 -15.03
CA MET B 2 19.58 -6.82 -13.63
C MET B 2 19.51 -8.35 -13.61
N LYS B 3 20.37 -8.98 -12.83
CA LYS B 3 20.43 -10.43 -12.70
C LYS B 3 19.65 -10.96 -11.49
N HIS B 4 18.89 -12.04 -11.69
CA HIS B 4 18.13 -12.67 -10.63
C HIS B 4 18.64 -14.07 -10.28
N GLY B 5 18.62 -14.35 -8.99
CA GLY B 5 19.05 -15.64 -8.51
C GLY B 5 18.14 -16.13 -7.38
N ILE B 6 18.43 -17.32 -6.87
CA ILE B 6 17.70 -17.90 -5.74
C ILE B 6 18.73 -18.64 -4.90
N TYR B 7 18.46 -18.71 -3.60
CA TYR B 7 19.35 -19.33 -2.63
C TYR B 7 19.05 -20.81 -2.68
N TYR B 8 20.09 -21.64 -2.75
CA TYR B 8 19.85 -23.09 -2.84
C TYR B 8 19.09 -23.63 -1.61
N ALA B 9 19.26 -23.00 -0.45
CA ALA B 9 18.59 -23.47 0.76
C ALA B 9 17.07 -23.50 0.65
N TYR B 10 16.54 -22.86 -0.37
CA TYR B 10 15.08 -22.91 -0.54
C TYR B 10 14.60 -24.40 -0.65
N TRP B 11 15.47 -25.29 -1.12
CA TRP B 11 15.15 -26.70 -1.31
C TRP B 11 15.73 -27.65 -0.25
N GLU B 12 16.63 -27.13 0.59
CA GLU B 12 17.35 -27.93 1.59
C GLU B 12 17.19 -27.50 3.07
N GLN B 13 17.47 -28.41 4.00
CA GLN B 13 17.39 -28.10 5.44
C GLN B 13 18.74 -27.98 6.15
N GLU B 14 19.84 -27.99 5.39
CA GLU B 14 21.16 -27.86 5.98
C GLU B 14 22.02 -26.84 5.21
N TRP B 15 22.98 -26.23 5.89
CA TRP B 15 23.84 -25.22 5.26
C TRP B 15 24.90 -25.68 4.25
N GLU B 16 24.55 -26.71 3.49
CA GLU B 16 25.40 -27.23 2.43
C GLU B 16 24.50 -28.17 1.64
N ALA B 17 24.97 -28.57 0.46
CA ALA B 17 24.23 -29.47 -0.41
C ALA B 17 24.99 -29.67 -1.72
N ASP B 18 24.45 -30.50 -2.60
CA ASP B 18 25.08 -30.74 -3.90
C ASP B 18 24.85 -29.51 -4.79
N TYR B 19 25.77 -28.55 -4.75
CA TYR B 19 25.59 -27.37 -5.55
C TYR B 19 25.49 -27.59 -7.06
N LYS B 20 26.10 -28.66 -7.56
CA LYS B 20 26.02 -28.87 -9.01
C LYS B 20 24.59 -29.18 -9.41
N TYR B 21 23.89 -29.92 -8.55
CA TYR B 21 22.49 -30.29 -8.75
C TYR B 21 21.65 -29.00 -8.87
N TYR B 22 21.77 -28.11 -7.88
CA TYR B 22 21.01 -26.85 -7.91
C TYR B 22 21.40 -25.92 -9.06
N ILE B 23 22.66 -25.98 -9.49
CA ILE B 23 23.06 -25.17 -10.64
C ILE B 23 22.26 -25.57 -11.86
N GLU B 24 22.09 -26.87 -12.06
CA GLU B 24 21.37 -27.36 -13.24
C GLU B 24 19.88 -27.08 -13.12
N LYS B 25 19.32 -27.25 -11.93
CA LYS B 25 17.89 -27.02 -11.72
C LYS B 25 17.59 -25.55 -12.02
N VAL B 26 18.43 -24.71 -11.45
CA VAL B 26 18.21 -23.30 -11.57
C VAL B 26 18.39 -22.78 -12.97
N ALA B 27 19.32 -23.39 -13.72
CA ALA B 27 19.53 -22.96 -15.11
C ALA B 27 18.27 -23.29 -15.86
N LYS B 28 17.76 -24.51 -15.63
CA LYS B 28 16.52 -24.97 -16.26
C LYS B 28 15.31 -24.09 -15.92
N LEU B 29 15.22 -23.62 -14.67
CA LEU B 29 14.09 -22.76 -14.26
C LEU B 29 14.26 -21.38 -14.86
N GLY B 30 15.47 -21.03 -15.27
CA GLY B 30 15.67 -19.72 -15.89
C GLY B 30 16.39 -18.64 -15.10
N PHE B 31 16.93 -18.99 -13.94
CA PHE B 31 17.65 -18.03 -13.11
C PHE B 31 19.02 -17.67 -13.71
N ASP B 32 19.54 -16.49 -13.38
CA ASP B 32 20.87 -16.08 -13.83
C ASP B 32 21.89 -16.49 -12.75
N ILE B 33 21.41 -16.60 -11.52
CA ILE B 33 22.30 -16.87 -10.40
C ILE B 33 21.87 -17.91 -9.42
N LEU B 34 22.85 -18.60 -8.84
CA LEU B 34 22.55 -19.56 -7.78
C LEU B 34 23.41 -19.03 -6.63
N GLU B 35 22.81 -18.83 -5.46
CA GLU B 35 23.55 -18.36 -4.29
C GLU B 35 23.71 -19.63 -3.44
N ILE B 36 24.90 -19.84 -2.93
CA ILE B 36 25.19 -21.03 -2.16
C ILE B 36 25.74 -20.65 -0.81
N ALA B 37 25.60 -21.54 0.18
CA ALA B 37 26.12 -21.29 1.53
C ALA B 37 27.64 -21.47 1.47
N ALA B 38 28.37 -20.62 2.17
CA ALA B 38 29.82 -20.75 2.12
C ALA B 38 30.42 -21.83 3.03
N SER B 39 29.71 -22.24 4.07
CA SER B 39 30.29 -23.17 5.03
C SER B 39 31.02 -24.41 4.50
N PRO B 40 30.46 -25.11 3.50
CA PRO B 40 31.18 -26.28 3.03
C PRO B 40 32.44 -25.95 2.22
N LEU B 41 32.48 -24.76 1.65
CA LEU B 41 33.59 -24.39 0.79
C LEU B 41 35.03 -24.50 1.31
N PRO B 42 35.25 -24.24 2.60
CA PRO B 42 36.65 -24.37 3.02
C PRO B 42 37.24 -25.79 2.92
N PHE B 43 36.37 -26.80 2.88
CA PHE B 43 36.80 -28.18 2.81
C PHE B 43 36.79 -28.74 1.39
N TYR B 44 36.63 -27.85 0.41
CA TYR B 44 36.61 -28.28 -0.98
C TYR B 44 38.02 -28.44 -1.51
N SER B 45 38.34 -29.62 -2.05
CA SER B 45 39.66 -29.84 -2.62
C SER B 45 39.76 -28.87 -3.81
N ASP B 46 40.95 -28.67 -4.36
CA ASP B 46 41.08 -27.77 -5.51
C ASP B 46 40.28 -28.33 -6.67
N ILE B 47 40.16 -29.65 -6.70
CA ILE B 47 39.42 -30.32 -7.76
C ILE B 47 37.93 -29.97 -7.67
N GLN B 48 37.35 -30.16 -6.48
CA GLN B 48 35.93 -29.86 -6.25
C GLN B 48 35.60 -28.40 -6.58
N ILE B 49 36.59 -27.52 -6.37
CA ILE B 49 36.42 -26.12 -6.68
C ILE B 49 36.33 -25.95 -8.18
N ASN B 50 37.25 -26.56 -8.91
CA ASN B 50 37.20 -26.42 -10.37
C ASN B 50 35.97 -27.07 -11.01
N GLU B 51 35.46 -28.13 -10.39
CA GLU B 51 34.28 -28.82 -10.89
C GLU B 51 33.02 -27.95 -10.73
N LEU B 52 32.89 -27.35 -9.55
CA LEU B 52 31.77 -26.46 -9.27
C LEU B 52 31.87 -25.27 -10.23
N LYS B 53 33.05 -24.67 -10.32
CA LYS B 53 33.21 -23.56 -11.24
C LYS B 53 32.87 -23.94 -12.69
N ALA B 54 33.29 -25.12 -13.10
CA ALA B 54 33.06 -25.60 -14.46
C ALA B 54 31.56 -25.82 -14.67
N CYS B 55 30.91 -26.43 -13.69
CA CYS B 55 29.47 -26.66 -13.80
C CYS B 55 28.78 -25.31 -13.99
N ALA B 56 29.14 -24.35 -13.15
CA ALA B 56 28.52 -23.05 -13.25
C ALA B 56 28.69 -22.43 -14.64
N HIS B 57 29.92 -22.38 -15.13
CA HIS B 57 30.15 -21.79 -16.45
C HIS B 57 29.41 -22.60 -17.52
N GLY B 58 29.46 -23.92 -17.37
CA GLY B 58 28.78 -24.79 -18.31
C GLY B 58 27.29 -24.55 -18.42
N ASN B 59 26.67 -24.15 -17.31
CA ASN B 59 25.24 -23.93 -17.32
C ASN B 59 24.77 -22.48 -17.47
N GLY B 60 25.73 -21.57 -17.64
CA GLY B 60 25.43 -20.17 -17.78
C GLY B 60 25.00 -19.50 -16.46
N ILE B 61 25.24 -20.19 -15.35
CA ILE B 61 24.87 -19.68 -14.04
C ILE B 61 26.02 -18.92 -13.34
N THR B 62 25.67 -17.83 -12.67
CA THR B 62 26.67 -17.04 -11.92
C THR B 62 26.48 -17.47 -10.46
N LEU B 63 27.57 -17.56 -9.71
CA LEU B 63 27.42 -17.95 -8.32
C LEU B 63 27.72 -16.80 -7.37
N THR B 64 26.89 -16.67 -6.33
CA THR B 64 27.12 -15.67 -5.30
C THR B 64 27.13 -16.48 -4.02
N VAL B 65 27.63 -15.89 -2.95
CA VAL B 65 27.73 -16.62 -1.69
C VAL B 65 27.15 -15.87 -0.47
N GLY B 66 26.50 -16.63 0.40
CA GLY B 66 25.95 -16.09 1.61
C GLY B 66 26.63 -16.87 2.75
N HIS B 67 26.62 -16.32 3.96
CA HIS B 67 27.25 -16.97 5.08
C HIS B 67 26.80 -16.43 6.42
N GLY B 68 26.37 -17.33 7.30
CA GLY B 68 25.97 -16.95 8.64
C GLY B 68 27.19 -17.34 9.47
N PRO B 69 28.06 -16.39 9.85
CA PRO B 69 29.25 -16.75 10.63
C PRO B 69 28.96 -17.40 11.96
N SER B 70 29.83 -18.32 12.36
CA SER B 70 29.71 -18.98 13.66
C SER B 70 30.42 -18.05 14.67
N ALA B 71 30.21 -18.28 15.97
CA ALA B 71 30.85 -17.42 16.96
C ALA B 71 32.38 -17.33 16.75
N GLU B 72 33.02 -18.46 16.47
CA GLU B 72 34.47 -18.43 16.26
C GLU B 72 34.91 -17.59 15.09
N GLN B 73 33.99 -17.19 14.23
CA GLN B 73 34.36 -16.39 13.06
C GLN B 73 33.88 -14.93 13.24
N ASN B 74 33.47 -14.61 14.47
CA ASN B 74 32.99 -13.26 14.78
C ASN B 74 34.06 -12.16 14.76
N LEU B 75 34.14 -11.40 13.67
CA LEU B 75 35.10 -10.31 13.53
C LEU B 75 34.87 -9.18 14.50
N SER B 76 33.75 -9.18 15.20
CA SER B 76 33.49 -8.09 16.15
C SER B 76 33.88 -8.48 17.59
N SER B 77 34.28 -9.73 17.78
CA SER B 77 34.60 -10.25 19.10
C SER B 77 35.64 -9.49 19.95
N PRO B 78 35.40 -9.43 21.28
CA PRO B 78 36.36 -8.73 22.16
C PRO B 78 37.61 -9.60 22.35
N ASP B 79 37.43 -10.90 22.22
CA ASP B 79 38.54 -11.84 22.34
C ASP B 79 39.37 -11.74 21.07
N PRO B 80 40.62 -11.26 21.18
CA PRO B 80 41.49 -11.12 20.02
C PRO B 80 41.85 -12.42 19.31
N ASP B 81 41.72 -13.56 19.98
CA ASP B 81 42.04 -14.84 19.33
C ASP B 81 40.92 -15.16 18.35
N ILE B 82 39.69 -14.97 18.80
CA ILE B 82 38.54 -15.19 17.95
C ILE B 82 38.69 -14.27 16.73
N ARG B 83 39.09 -13.01 16.94
CA ARG B 83 39.25 -12.12 15.79
C ARG B 83 40.30 -12.67 14.85
N LYS B 84 41.38 -13.18 15.43
CA LYS B 84 42.45 -13.75 14.62
C LYS B 84 41.91 -14.90 13.78
N ASN B 85 41.24 -15.87 14.42
CA ASN B 85 40.67 -16.99 13.69
C ASN B 85 39.75 -16.42 12.62
N ALA B 86 38.83 -15.56 13.04
CA ALA B 86 37.89 -14.91 12.12
C ALA B 86 38.59 -14.45 10.86
N LYS B 87 39.56 -13.56 11.02
CA LYS B 87 40.29 -13.03 9.88
C LYS B 87 40.92 -14.11 9.01
N ALA B 88 41.50 -15.13 9.63
CA ALA B 88 42.13 -16.18 8.87
C ALA B 88 41.08 -16.99 8.10
N PHE B 89 39.93 -17.20 8.73
CA PHE B 89 38.83 -17.91 8.09
C PHE B 89 38.41 -17.17 6.82
N TYR B 90 38.19 -15.87 6.93
CA TYR B 90 37.76 -15.09 5.79
C TYR B 90 38.85 -14.92 4.72
N THR B 91 40.12 -14.88 5.14
CA THR B 91 41.17 -14.72 4.15
C THR B 91 41.28 -16.00 3.34
N ASP B 92 41.14 -17.15 4.00
CA ASP B 92 41.19 -18.40 3.24
C ASP B 92 39.94 -18.48 2.34
N LEU B 93 38.76 -18.20 2.93
CA LEU B 93 37.50 -18.25 2.19
C LEU B 93 37.52 -17.37 0.94
N LEU B 94 38.02 -16.15 1.09
CA LEU B 94 38.08 -15.21 -0.01
C LEU B 94 38.98 -15.68 -1.14
N LYS B 95 40.03 -16.41 -0.83
CA LYS B 95 40.92 -16.85 -1.88
C LYS B 95 40.20 -17.98 -2.63
N ARG B 96 39.44 -18.80 -1.90
CA ARG B 96 38.71 -19.88 -2.55
C ARG B 96 37.65 -19.30 -3.50
N LEU B 97 37.00 -18.23 -3.07
CA LEU B 97 36.00 -17.56 -3.90
C LEU B 97 36.70 -17.04 -5.14
N TYR B 98 37.97 -16.67 -5.00
CA TYR B 98 38.70 -16.18 -6.16
C TYR B 98 38.90 -17.35 -7.15
N LYS B 99 39.14 -18.53 -6.62
CA LYS B 99 39.34 -19.71 -7.45
C LYS B 99 38.06 -20.16 -8.14
N LEU B 100 36.97 -20.15 -7.36
CA LEU B 100 35.64 -20.56 -7.83
C LEU B 100 35.10 -19.52 -8.80
N ASP B 101 35.74 -18.36 -8.80
CA ASP B 101 35.37 -17.26 -9.66
C ASP B 101 34.06 -16.54 -9.23
N VAL B 102 33.88 -16.32 -7.93
CA VAL B 102 32.70 -15.58 -7.48
C VAL B 102 33.16 -14.20 -7.02
N HIS B 103 32.40 -13.19 -7.39
CA HIS B 103 32.75 -11.82 -7.04
C HIS B 103 31.90 -11.20 -5.95
N LEU B 104 31.14 -12.02 -5.25
CA LEU B 104 30.27 -11.49 -4.20
C LEU B 104 29.98 -12.40 -3.00
N ILE B 105 30.13 -11.86 -1.79
CA ILE B 105 29.79 -12.62 -0.60
C ILE B 105 28.94 -11.67 0.28
N GLY B 106 27.92 -12.20 0.94
CA GLY B 106 27.09 -11.33 1.78
C GLY B 106 26.56 -12.04 2.99
N GLY B 107 26.05 -11.29 3.95
CA GLY B 107 25.53 -11.87 5.19
C GLY B 107 25.95 -10.98 6.36
N ALA B 108 25.75 -11.45 7.60
CA ALA B 108 26.15 -10.68 8.78
C ALA B 108 27.67 -10.85 8.89
N LEU B 109 28.38 -10.50 7.84
CA LEU B 109 29.83 -10.69 7.80
C LEU B 109 30.60 -9.87 8.84
N TYR B 110 29.95 -8.87 9.38
CA TYR B 110 30.55 -7.99 10.37
C TYR B 110 30.24 -8.50 11.76
N SER B 111 29.68 -9.70 11.87
CA SER B 111 29.28 -10.23 13.18
C SER B 111 29.21 -11.75 13.10
N TYR B 112 28.22 -12.32 13.75
CA TYR B 112 28.04 -13.76 13.67
C TYR B 112 26.51 -13.98 13.65
N TRP B 113 26.08 -15.13 13.14
CA TRP B 113 24.65 -15.44 13.00
C TRP B 113 24.40 -16.93 13.02
N PRO B 114 23.40 -17.39 13.77
CA PRO B 114 22.50 -16.58 14.61
C PRO B 114 23.19 -16.08 15.89
N ILE B 115 22.61 -15.04 16.47
CA ILE B 115 23.18 -14.43 17.67
C ILE B 115 22.68 -15.06 18.94
N ASP B 116 23.60 -15.17 19.91
CA ASP B 116 23.26 -15.70 21.21
C ASP B 116 22.94 -14.45 22.02
N TYR B 117 21.66 -14.23 22.28
CA TYR B 117 21.25 -13.06 23.03
C TYR B 117 21.39 -13.11 24.55
N THR B 118 21.58 -14.30 25.11
CA THR B 118 21.72 -14.40 26.55
C THR B 118 22.91 -13.52 26.94
N LYS B 119 23.99 -13.64 26.18
CA LYS B 119 25.18 -12.81 26.42
C LYS B 119 24.78 -11.33 26.44
N THR B 120 25.24 -10.57 27.45
CA THR B 120 24.90 -9.15 27.50
C THR B 120 25.53 -8.47 26.27
N ILE B 121 24.81 -7.49 25.71
CA ILE B 121 25.29 -6.84 24.51
C ILE B 121 26.19 -5.62 24.71
N ASP B 122 27.28 -5.57 23.95
CA ASP B 122 28.22 -4.44 23.96
C ASP B 122 28.30 -3.90 22.51
N LYS B 123 27.23 -3.21 22.10
CA LYS B 123 27.08 -2.66 20.76
C LYS B 123 28.19 -1.75 20.31
N LYS B 124 28.43 -0.70 21.09
CA LYS B 124 29.44 0.26 20.76
C LYS B 124 30.80 -0.41 20.61
N GLY B 125 31.19 -1.21 21.60
CA GLY B 125 32.46 -1.90 21.52
C GLY B 125 32.53 -2.84 20.33
N ASP B 126 31.50 -3.67 20.17
CA ASP B 126 31.47 -4.62 19.07
C ASP B 126 31.53 -3.88 17.76
N TRP B 127 30.87 -2.72 17.71
CA TRP B 127 30.84 -1.91 16.52
C TRP B 127 32.23 -1.43 16.09
N GLU B 128 32.96 -0.76 16.97
CA GLU B 128 34.32 -0.28 16.62
C GLU B 128 35.25 -1.42 16.19
N ARG B 129 35.29 -2.49 16.99
CA ARG B 129 36.12 -3.63 16.61
C ARG B 129 35.76 -4.15 15.23
N SER B 130 34.46 -4.36 15.00
CA SER B 130 33.99 -4.89 13.72
C SER B 130 34.43 -3.99 12.55
N VAL B 131 34.28 -2.68 12.70
CA VAL B 131 34.68 -1.73 11.66
C VAL B 131 36.16 -1.96 11.33
N GLU B 132 36.97 -2.05 12.38
CA GLU B 132 38.40 -2.28 12.21
C GLU B 132 38.66 -3.62 11.53
N SER B 133 38.07 -4.70 12.05
CA SER B 133 38.28 -6.04 11.46
C SER B 133 37.84 -6.12 9.99
N VAL B 134 36.63 -5.62 9.71
CA VAL B 134 36.14 -5.66 8.34
C VAL B 134 37.08 -4.90 7.42
N ARG B 135 37.56 -3.75 7.87
CA ARG B 135 38.48 -2.99 7.05
C ARG B 135 39.73 -3.82 6.60
N GLU B 136 40.32 -4.59 7.51
CA GLU B 136 41.47 -5.42 7.18
C GLU B 136 41.05 -6.46 6.16
N VAL B 137 39.94 -7.14 6.42
CA VAL B 137 39.43 -8.16 5.53
C VAL B 137 39.17 -7.59 4.12
N ALA B 138 38.63 -6.37 4.08
CA ALA B 138 38.34 -5.69 2.81
C ALA B 138 39.53 -5.72 1.84
N LYS B 139 40.74 -5.55 2.40
CA LYS B 139 41.93 -5.57 1.56
C LYS B 139 42.06 -6.91 0.85
N VAL B 140 41.82 -7.99 1.58
CA VAL B 140 41.90 -9.33 1.00
C VAL B 140 40.75 -9.51 0.01
N ALA B 141 39.58 -8.95 0.35
CA ALA B 141 38.43 -9.00 -0.54
C ALA B 141 38.77 -8.28 -1.85
N GLU B 142 39.43 -7.12 -1.74
CA GLU B 142 39.78 -6.42 -2.95
C GLU B 142 40.77 -7.22 -3.81
N ALA B 143 41.77 -7.82 -3.16
CA ALA B 143 42.76 -8.62 -3.85
C ALA B 143 42.13 -9.80 -4.55
N CYS B 144 41.07 -10.35 -3.97
CA CYS B 144 40.41 -11.49 -4.59
C CYS B 144 39.29 -11.05 -5.53
N GLY B 145 39.14 -9.74 -5.74
CA GLY B 145 38.08 -9.24 -6.60
C GLY B 145 36.67 -9.57 -6.09
N VAL B 146 36.52 -9.59 -4.77
CA VAL B 146 35.27 -9.91 -4.13
C VAL B 146 34.58 -8.76 -3.41
N ASP B 147 33.27 -8.61 -3.65
CA ASP B 147 32.49 -7.58 -2.96
C ASP B 147 32.06 -8.21 -1.62
N PHE B 148 32.42 -7.53 -0.55
CA PHE B 148 32.14 -7.98 0.81
C PHE B 148 30.90 -7.16 1.21
N CYS B 149 29.73 -7.79 1.11
CA CYS B 149 28.46 -7.09 1.38
C CYS B 149 27.95 -7.38 2.79
N LEU B 150 27.61 -6.32 3.54
CA LEU B 150 27.12 -6.45 4.92
C LEU B 150 25.60 -6.36 4.95
N GLU B 151 24.96 -7.48 5.25
CA GLU B 151 23.52 -7.51 5.24
C GLU B 151 22.94 -6.89 6.50
N VAL B 152 22.00 -5.98 6.29
CA VAL B 152 21.29 -5.30 7.36
C VAL B 152 20.22 -6.27 7.81
N LEU B 153 20.20 -6.58 9.12
CA LEU B 153 19.24 -7.57 9.64
C LEU B 153 18.29 -7.02 10.67
N ASN B 154 17.20 -7.77 10.91
CA ASN B 154 16.25 -7.33 11.90
C ASN B 154 16.81 -7.60 13.29
N ARG B 155 16.27 -6.85 14.23
CA ARG B 155 16.67 -6.86 15.64
C ARG B 155 16.74 -8.21 16.29
N PHE B 156 16.02 -9.19 15.78
CA PHE B 156 16.04 -10.48 16.45
C PHE B 156 17.22 -11.29 16.01
N GLU B 157 17.86 -10.86 14.93
CA GLU B 157 18.96 -11.64 14.43
C GLU B 157 20.28 -10.92 14.43
N ASN B 158 20.32 -9.73 15.02
CA ASN B 158 21.54 -8.94 15.01
C ASN B 158 21.25 -7.63 15.74
N TYR B 159 22.25 -7.10 16.43
CA TYR B 159 22.07 -5.87 17.17
C TYR B 159 22.94 -4.74 16.65
N LEU B 160 23.86 -5.04 15.73
CA LEU B 160 24.73 -3.99 15.18
C LEU B 160 24.18 -3.11 14.05
N ILE B 161 23.52 -3.75 13.07
CA ILE B 161 22.98 -3.04 11.90
C ILE B 161 21.55 -3.53 11.66
N ASN B 162 20.59 -2.65 11.95
CA ASN B 162 19.20 -3.00 11.82
C ASN B 162 18.51 -2.17 10.77
N THR B 163 19.13 -1.07 10.36
CA THR B 163 18.49 -0.22 9.33
C THR B 163 19.49 0.13 8.24
N ALA B 164 18.96 0.55 7.10
CA ALA B 164 19.79 0.93 5.97
C ALA B 164 20.76 2.07 6.37
N GLN B 165 20.26 3.03 7.16
CA GLN B 165 21.07 4.16 7.63
C GLN B 165 22.24 3.67 8.51
N GLU B 166 21.98 2.72 9.40
CA GLU B 166 23.05 2.16 10.22
C GLU B 166 24.08 1.42 9.37
N GLY B 167 23.60 0.72 8.33
CA GLY B 167 24.49 -0.02 7.45
C GLY B 167 25.40 0.91 6.65
N VAL B 168 24.85 2.01 6.16
CA VAL B 168 25.61 3.00 5.37
C VAL B 168 26.68 3.67 6.24
N ASP B 169 26.28 3.98 7.48
CA ASP B 169 27.18 4.62 8.45
C ASP B 169 28.35 3.67 8.69
N PHE B 170 28.03 2.40 8.90
CA PHE B 170 29.07 1.42 9.10
C PHE B 170 29.99 1.33 7.89
N VAL B 171 29.41 1.21 6.69
CA VAL B 171 30.24 1.08 5.48
C VAL B 171 31.05 2.33 5.17
N LYS B 172 30.49 3.52 5.44
CA LYS B 172 31.20 4.78 5.23
C LYS B 172 32.34 4.85 6.25
N GLN B 173 32.09 4.32 7.44
CA GLN B 173 33.11 4.33 8.46
C GLN B 173 34.22 3.34 8.08
N VAL B 174 33.86 2.23 7.45
CA VAL B 174 34.84 1.23 7.02
C VAL B 174 35.72 1.89 5.99
N ASP B 175 35.09 2.65 5.11
CA ASP B 175 35.81 3.41 4.09
C ASP B 175 36.67 2.60 3.13
N HIS B 176 36.09 1.58 2.53
CA HIS B 176 36.82 0.77 1.57
C HIS B 176 35.90 0.37 0.44
N ASN B 177 36.35 0.56 -0.79
CA ASN B 177 35.57 0.27 -1.97
C ASN B 177 34.94 -1.11 -2.14
N ASN B 178 35.56 -2.16 -1.61
CA ASN B 178 34.97 -3.46 -1.76
C ASN B 178 33.99 -3.85 -0.63
N VAL B 179 33.64 -2.90 0.25
CA VAL B 179 32.69 -3.20 1.31
C VAL B 179 31.38 -2.48 0.95
N LYS B 180 30.28 -3.23 0.94
CA LYS B 180 29.02 -2.69 0.53
C LYS B 180 27.90 -2.93 1.52
N VAL B 181 26.83 -2.17 1.36
CA VAL B 181 25.64 -2.38 2.15
C VAL B 181 24.77 -3.45 1.43
N MET B 182 24.06 -4.26 2.20
CA MET B 182 23.19 -5.27 1.60
C MET B 182 21.81 -5.20 2.28
N LEU B 183 20.74 -5.14 1.49
CA LEU B 183 19.39 -5.06 2.05
C LEU B 183 18.66 -6.35 1.76
N ASP B 184 17.61 -6.61 2.52
CA ASP B 184 16.81 -7.82 2.40
C ASP B 184 15.37 -7.41 2.73
N THR B 185 14.49 -7.66 1.79
CA THR B 185 13.11 -7.27 1.94
C THR B 185 12.44 -7.78 3.19
N PHE B 186 12.80 -8.97 3.65
CA PHE B 186 12.21 -9.58 4.85
C PHE B 186 12.64 -8.77 6.10
N HIS B 187 13.91 -8.33 6.08
CA HIS B 187 14.46 -7.57 7.20
C HIS B 187 14.00 -6.14 7.17
N MET B 188 14.00 -5.54 5.99
CA MET B 188 13.52 -4.16 5.83
C MET B 188 12.06 -4.03 6.31
N ASN B 189 11.26 -5.05 6.02
CA ASN B 189 9.86 -5.05 6.34
C ASN B 189 9.62 -4.87 7.85
N ILE B 190 10.61 -5.29 8.62
CA ILE B 190 10.51 -5.18 10.07
C ILE B 190 11.03 -3.84 10.57
N GLU B 191 12.25 -3.48 10.18
CA GLU B 191 12.89 -2.30 10.75
C GLU B 191 12.73 -0.91 10.17
N GLU B 192 12.51 -0.82 8.86
CA GLU B 192 12.44 0.48 8.18
C GLU B 192 11.15 1.29 8.27
N ASP B 193 11.28 2.60 8.26
CA ASP B 193 10.07 3.39 8.20
C ASP B 193 9.57 3.32 6.76
N SER B 194 10.53 3.29 5.84
CA SER B 194 10.24 3.28 4.42
C SER B 194 11.16 2.34 3.64
N ILE B 195 10.54 1.49 2.84
CA ILE B 195 11.22 0.52 2.01
C ILE B 195 11.98 1.29 0.96
N GLY B 196 11.24 2.08 0.16
CA GLY B 196 11.85 2.88 -0.88
C GLY B 196 12.91 3.80 -0.31
N GLY B 197 12.58 4.42 0.82
CA GLY B 197 13.51 5.32 1.49
C GLY B 197 14.78 4.61 1.88
N ALA B 198 14.66 3.38 2.37
CA ALA B 198 15.84 2.59 2.77
C ALA B 198 16.75 2.29 1.59
N ILE B 199 16.16 1.94 0.46
CA ILE B 199 16.93 1.67 -0.73
C ILE B 199 17.59 2.95 -1.22
N ARG B 200 16.87 4.08 -1.24
CA ARG B 200 17.50 5.32 -1.69
C ARG B 200 18.57 5.70 -0.65
N THR B 201 18.35 5.41 0.63
CA THR B 201 19.40 5.71 1.59
C THR B 201 20.62 4.83 1.28
N ALA B 202 20.43 3.56 0.95
CA ALA B 202 21.62 2.79 0.66
C ALA B 202 22.29 3.34 -0.62
N GLY B 203 21.49 3.66 -1.63
CA GLY B 203 22.00 4.22 -2.88
C GLY B 203 23.24 3.56 -3.47
N SER B 204 24.28 4.33 -3.76
CA SER B 204 25.53 3.77 -4.38
C SER B 204 26.20 2.66 -3.57
N TYR B 205 25.93 2.61 -2.27
CA TYR B 205 26.50 1.58 -1.44
C TYR B 205 25.83 0.20 -1.53
N LEU B 206 24.56 0.14 -1.99
CA LEU B 206 23.87 -1.17 -2.13
C LEU B 206 24.64 -2.08 -3.10
N GLY B 207 25.14 -3.22 -2.65
CA GLY B 207 25.84 -4.10 -3.58
C GLY B 207 25.16 -5.46 -3.75
N HIS B 208 24.03 -5.67 -3.07
CA HIS B 208 23.33 -6.96 -3.16
C HIS B 208 21.97 -6.80 -2.54
N LEU B 209 20.99 -7.56 -3.06
CA LEU B 209 19.64 -7.51 -2.51
C LEU B 209 19.00 -8.88 -2.43
N HIS B 210 18.46 -9.17 -1.26
CA HIS B 210 17.74 -10.41 -0.97
C HIS B 210 16.24 -10.11 -1.00
N THR B 211 15.46 -11.06 -1.51
CA THR B 211 14.03 -10.85 -1.55
C THR B 211 13.26 -12.01 -0.94
N GLY B 212 12.08 -11.68 -0.45
CA GLY B 212 11.25 -12.68 0.21
C GLY B 212 10.00 -11.92 0.67
N GLU B 213 8.90 -12.62 0.86
CA GLU B 213 7.71 -11.96 1.31
C GLU B 213 7.86 -11.67 2.82
N CYS B 214 6.84 -11.06 3.43
CA CYS B 214 6.94 -10.71 4.85
C CYS B 214 7.28 -11.93 5.65
N ASN B 215 6.70 -13.05 5.28
CA ASN B 215 7.01 -14.27 6.04
C ASN B 215 7.95 -15.24 5.31
N ARG B 216 8.73 -14.71 4.37
CA ARG B 216 9.74 -15.53 3.66
C ARG B 216 9.25 -16.50 2.60
N LYS B 217 8.00 -16.32 2.15
CA LYS B 217 7.46 -17.11 1.04
C LYS B 217 8.09 -16.49 -0.20
N VAL B 218 8.00 -17.14 -1.38
CA VAL B 218 8.60 -16.52 -2.58
C VAL B 218 7.89 -15.22 -2.88
N PRO B 219 8.61 -14.26 -3.53
CA PRO B 219 8.04 -12.97 -3.87
C PRO B 219 6.82 -13.05 -4.73
N GLY B 220 5.85 -12.19 -4.41
CA GLY B 220 4.70 -12.13 -5.27
C GLY B 220 3.31 -12.02 -4.76
N ARG B 221 2.90 -12.88 -3.83
CA ARG B 221 1.53 -12.79 -3.39
C ARG B 221 1.39 -12.29 -1.95
N GLY B 222 2.49 -11.76 -1.43
CA GLY B 222 2.52 -11.28 -0.06
C GLY B 222 2.31 -9.80 0.02
N ARG B 223 2.78 -9.17 1.10
CA ARG B 223 2.55 -7.73 1.28
C ARG B 223 3.76 -6.85 0.97
N ILE B 224 4.89 -7.44 0.63
CA ILE B 224 6.04 -6.59 0.29
C ILE B 224 5.66 -5.69 -0.87
N PRO B 225 6.02 -4.41 -0.81
CA PRO B 225 5.69 -3.49 -1.90
C PRO B 225 6.74 -3.61 -3.04
N TRP B 226 6.57 -4.61 -3.88
CA TRP B 226 7.51 -4.83 -4.98
C TRP B 226 7.65 -3.70 -5.95
N VAL B 227 6.53 -3.07 -6.30
CA VAL B 227 6.63 -1.96 -7.23
C VAL B 227 7.46 -0.84 -6.63
N GLU B 228 7.19 -0.49 -5.38
CA GLU B 228 7.97 0.60 -4.76
C GLU B 228 9.48 0.24 -4.78
N ILE B 229 9.81 -1.03 -4.60
CA ILE B 229 11.21 -1.48 -4.59
C ILE B 229 11.78 -1.30 -5.98
N GLY B 230 11.03 -1.73 -6.99
CA GLY B 230 11.50 -1.58 -8.36
C GLY B 230 11.78 -0.12 -8.65
N GLU B 231 10.88 0.78 -8.22
CA GLU B 231 11.05 2.20 -8.47
C GLU B 231 12.27 2.77 -7.74
N ALA B 232 12.49 2.33 -6.51
CA ALA B 232 13.64 2.81 -5.76
C ALA B 232 14.94 2.26 -6.39
N LEU B 233 14.90 1.03 -6.89
CA LEU B 233 16.11 0.49 -7.50
C LEU B 233 16.47 1.31 -8.73
N ALA B 234 15.45 1.77 -9.45
CA ALA B 234 15.66 2.58 -10.65
C ALA B 234 16.09 3.97 -10.20
N ASP B 235 15.49 4.49 -9.13
CA ASP B 235 15.89 5.82 -8.63
C ASP B 235 17.41 5.87 -8.41
N ILE B 236 17.95 4.88 -7.73
CA ILE B 236 19.35 4.89 -7.40
C ILE B 236 20.22 4.36 -8.50
N GLY B 237 19.61 3.70 -9.48
CA GLY B 237 20.33 3.14 -10.61
C GLY B 237 21.07 1.86 -10.25
N TYR B 238 20.44 0.99 -9.45
CA TYR B 238 21.05 -0.25 -9.02
C TYR B 238 21.60 -1.13 -10.15
N ASN B 239 22.88 -1.49 -10.02
CA ASN B 239 23.57 -2.33 -11.02
C ASN B 239 24.00 -3.65 -10.43
N GLY B 240 23.22 -4.17 -9.47
CA GLY B 240 23.58 -5.41 -8.84
C GLY B 240 22.61 -6.51 -9.12
N SER B 241 22.66 -7.53 -8.27
CA SER B 241 21.78 -8.63 -8.47
C SER B 241 20.70 -8.70 -7.42
N VAL B 242 19.71 -9.54 -7.71
CA VAL B 242 18.56 -9.73 -6.83
C VAL B 242 18.38 -11.21 -6.68
N VAL B 243 18.54 -11.67 -5.43
CA VAL B 243 18.46 -13.07 -5.09
C VAL B 243 17.32 -13.31 -4.14
N MET B 244 16.39 -14.19 -4.53
CA MET B 244 15.29 -14.47 -3.62
C MET B 244 15.84 -15.55 -2.72
N GLU B 245 15.37 -15.49 -1.50
CA GLU B 245 15.82 -16.37 -0.49
C GLU B 245 14.60 -16.86 0.31
N PRO B 246 13.70 -17.59 -0.34
CA PRO B 246 12.50 -18.09 0.35
C PRO B 246 12.81 -19.30 1.25
N PHE B 247 12.13 -19.35 2.40
CA PHE B 247 12.29 -20.41 3.38
C PHE B 247 10.89 -20.80 3.75
N VAL B 248 10.42 -21.93 3.23
CA VAL B 248 9.07 -22.36 3.49
C VAL B 248 8.96 -23.75 4.10
N ARG B 249 10.10 -24.35 4.45
CA ARG B 249 10.12 -25.70 5.03
C ARG B 249 10.66 -25.84 6.45
N MET B 250 9.99 -26.65 7.26
CA MET B 250 10.44 -26.90 8.63
C MET B 250 11.57 -27.92 8.62
N GLY B 251 12.33 -28.01 9.71
CA GLY B 251 13.37 -29.03 9.82
C GLY B 251 14.82 -28.67 9.61
N GLY B 252 15.69 -29.45 10.25
CA GLY B 252 17.12 -29.24 10.13
C GLY B 252 17.60 -27.90 10.67
N THR B 253 18.89 -27.65 10.51
CA THR B 253 19.53 -26.43 10.96
C THR B 253 18.91 -25.18 10.31
N VAL B 254 18.44 -25.33 9.08
CA VAL B 254 17.86 -24.23 8.32
C VAL B 254 16.52 -23.89 8.97
N GLY B 255 15.65 -24.88 9.07
CA GLY B 255 14.36 -24.65 9.68
C GLY B 255 14.47 -24.05 11.08
N SER B 256 15.46 -24.43 11.87
CA SER B 256 15.56 -23.86 13.21
C SER B 256 16.24 -22.51 13.17
N ASN B 257 17.31 -22.37 12.41
CA ASN B 257 17.95 -21.07 12.30
C ASN B 257 16.96 -20.04 11.74
N ILE B 258 16.18 -20.40 10.72
CA ILE B 258 15.25 -19.43 10.13
C ILE B 258 13.94 -19.38 10.97
N LYS B 259 13.77 -20.35 11.86
CA LYS B 259 12.59 -20.42 12.75
C LYS B 259 11.28 -20.61 12.02
N VAL B 260 11.24 -21.62 11.16
CA VAL B 260 10.03 -21.93 10.43
C VAL B 260 9.37 -22.93 11.35
N TRP B 261 8.27 -22.54 11.99
CA TRP B 261 7.63 -23.49 12.90
C TRP B 261 6.30 -24.03 12.42
N ARG B 262 5.96 -23.79 11.17
CA ARG B 262 4.72 -24.30 10.63
C ARG B 262 5.05 -24.61 9.17
N ASP B 263 4.24 -25.44 8.49
CA ASP B 263 4.57 -25.77 7.09
C ASP B 263 4.10 -24.70 6.14
N ILE B 264 4.94 -23.71 5.96
CA ILE B 264 4.60 -22.59 5.11
C ILE B 264 4.43 -23.05 3.64
N SER B 265 5.09 -24.13 3.27
CA SER B 265 4.99 -24.64 1.89
C SER B 265 3.67 -25.33 1.57
N ASN B 266 2.94 -25.74 2.60
CA ASN B 266 1.69 -26.43 2.36
C ASN B 266 1.90 -27.79 1.69
N GLY B 267 2.92 -28.52 2.11
CA GLY B 267 3.21 -29.84 1.54
C GLY B 267 3.75 -29.84 0.12
N ALA B 268 4.41 -28.77 -0.28
CA ALA B 268 4.96 -28.69 -1.61
C ALA B 268 6.06 -29.72 -1.83
N ASP B 269 5.98 -30.46 -2.94
CA ASP B 269 7.05 -31.42 -3.22
C ASP B 269 8.06 -30.66 -4.05
N GLU B 270 9.21 -31.27 -4.34
CA GLU B 270 10.26 -30.58 -5.08
C GLU B 270 9.77 -29.88 -6.34
N LYS B 271 8.86 -30.54 -7.04
CA LYS B 271 8.31 -30.03 -8.28
C LYS B 271 7.47 -28.79 -8.09
N MET B 272 6.61 -28.80 -7.07
CA MET B 272 5.77 -27.64 -6.78
C MET B 272 6.69 -26.47 -6.34
N LEU B 273 7.73 -26.77 -5.58
CA LEU B 273 8.65 -25.73 -5.15
C LEU B 273 9.31 -25.10 -6.36
N ASP B 274 9.66 -25.93 -7.35
CA ASP B 274 10.32 -25.42 -8.55
C ASP B 274 9.39 -24.48 -9.27
N ARG B 275 8.16 -24.92 -9.50
CA ARG B 275 7.18 -24.09 -10.19
C ARG B 275 7.01 -22.73 -9.53
N GLU B 276 6.84 -22.75 -8.21
CA GLU B 276 6.64 -21.51 -7.49
C GLU B 276 7.89 -20.65 -7.59
N ALA B 277 9.06 -21.26 -7.53
CA ALA B 277 10.28 -20.48 -7.62
C ALA B 277 10.32 -19.82 -8.98
N GLN B 278 9.92 -20.56 -9.99
CA GLN B 278 9.97 -20.00 -11.34
C GLN B 278 8.91 -18.91 -11.53
N ALA B 279 7.71 -19.17 -11.02
CA ALA B 279 6.67 -18.16 -11.14
C ALA B 279 7.15 -16.85 -10.48
N ALA B 280 7.85 -16.93 -9.35
CA ALA B 280 8.30 -15.73 -8.62
C ALA B 280 9.43 -15.05 -9.40
N LEU B 281 10.22 -15.85 -10.11
CA LEU B 281 11.32 -15.30 -10.95
C LEU B 281 10.65 -14.43 -12.03
N ASP B 282 9.64 -14.98 -12.71
CA ASP B 282 8.95 -14.19 -13.74
C ASP B 282 8.35 -12.91 -13.13
N PHE B 283 7.71 -13.04 -11.97
CA PHE B 283 7.15 -11.87 -11.27
C PHE B 283 8.29 -10.86 -11.01
N SER B 284 9.35 -11.32 -10.38
CA SER B 284 10.45 -10.42 -10.07
C SER B 284 11.01 -9.72 -11.32
N ARG B 285 11.27 -10.45 -12.39
CA ARG B 285 11.77 -9.79 -13.62
C ARG B 285 10.79 -8.76 -14.11
N TYR B 286 9.51 -9.08 -14.04
CA TYR B 286 8.50 -8.14 -14.54
C TYR B 286 8.32 -6.86 -13.70
N VAL B 287 8.11 -7.05 -12.40
CA VAL B 287 7.87 -5.91 -11.49
C VAL B 287 9.07 -5.05 -11.06
N LEU B 288 10.19 -5.68 -10.73
CA LEU B 288 11.35 -4.92 -10.32
C LEU B 288 12.01 -4.22 -11.49
N GLU B 289 11.54 -4.54 -12.70
CA GLU B 289 12.03 -3.99 -13.97
C GLU B 289 13.46 -4.36 -14.14
N MET C 2 -15.42 1.41 20.60
CA MET C 2 -14.04 0.88 20.75
C MET C 2 -13.23 1.68 21.78
N LYS C 3 -12.59 0.98 22.70
CA LYS C 3 -11.81 1.63 23.74
C LYS C 3 -10.32 1.60 23.39
N HIS C 4 -9.64 2.71 23.58
CA HIS C 4 -8.22 2.80 23.23
C HIS C 4 -7.30 2.96 24.44
N GLY C 5 -6.24 2.17 24.50
CA GLY C 5 -5.34 2.29 25.62
C GLY C 5 -3.91 2.36 25.13
N ILE C 6 -3.00 2.47 26.09
CA ILE C 6 -1.60 2.47 25.78
C ILE C 6 -0.94 1.71 26.95
N TYR C 7 0.16 1.04 26.62
CA TYR C 7 0.91 0.26 27.56
C TYR C 7 1.85 1.19 28.29
N TYR C 8 1.81 1.14 29.62
CA TYR C 8 2.65 2.01 30.44
C TYR C 8 4.14 1.90 30.09
N ALA C 9 4.62 0.70 29.76
CA ALA C 9 6.06 0.56 29.45
C ALA C 9 6.60 1.40 28.27
N TYR C 10 5.71 2.04 27.53
CA TYR C 10 6.10 2.95 26.44
C TYR C 10 6.97 4.03 27.09
N TRP C 11 6.77 4.26 28.39
CA TRP C 11 7.53 5.28 29.09
C TRP C 11 8.65 4.73 29.97
N GLU C 12 8.48 3.48 30.42
CA GLU C 12 9.41 2.81 31.34
C GLU C 12 10.33 1.72 30.77
N GLN C 13 11.47 1.50 31.43
CA GLN C 13 12.40 0.45 30.99
C GLN C 13 12.38 -0.85 31.80
N GLU C 14 11.37 -1.00 32.68
CA GLU C 14 11.22 -2.22 33.49
C GLU C 14 9.77 -2.69 33.53
N TRP C 15 9.53 -3.97 33.81
CA TRP C 15 8.14 -4.46 33.84
C TRP C 15 7.44 -4.12 35.18
N GLU C 16 7.59 -2.87 35.59
CA GLU C 16 7.01 -2.37 36.83
C GLU C 16 7.27 -0.87 36.90
N ALA C 17 6.30 -0.16 37.45
CA ALA C 17 6.36 1.29 37.61
C ALA C 17 5.18 1.68 38.48
N ASP C 18 5.10 2.96 38.82
CA ASP C 18 3.98 3.40 39.62
C ASP C 18 2.78 3.57 38.68
N TYR C 19 1.99 2.52 38.58
CA TYR C 19 0.81 2.53 37.73
C TYR C 19 -0.17 3.68 38.04
N LYS C 20 -0.03 4.29 39.21
CA LYS C 20 -0.93 5.38 39.55
C LYS C 20 -0.53 6.58 38.76
N TYR C 21 0.77 6.80 38.67
CA TYR C 21 1.29 7.91 37.89
C TYR C 21 0.86 7.83 36.38
N TYR C 22 0.93 6.64 35.80
CA TYR C 22 0.54 6.46 34.39
C TYR C 22 -0.96 6.50 34.22
N ILE C 23 -1.70 6.06 35.24
CA ILE C 23 -3.16 6.12 35.16
C ILE C 23 -3.57 7.58 35.02
N GLU C 24 -2.86 8.46 35.70
CA GLU C 24 -3.19 9.89 35.64
C GLU C 24 -2.68 10.55 34.36
N LYS C 25 -1.47 10.19 33.96
CA LYS C 25 -0.90 10.78 32.76
C LYS C 25 -1.79 10.43 31.57
N VAL C 26 -2.11 9.16 31.51
CA VAL C 26 -2.93 8.66 30.43
C VAL C 26 -4.33 9.26 30.40
N ALA C 27 -4.89 9.55 31.58
CA ALA C 27 -6.23 10.13 31.65
C ALA C 27 -6.27 11.54 31.03
N LYS C 28 -5.20 12.32 31.23
CA LYS C 28 -5.18 13.65 30.65
C LYS C 28 -4.89 13.61 29.16
N LEU C 29 -4.30 12.51 28.69
CA LEU C 29 -3.99 12.42 27.26
C LEU C 29 -5.26 11.97 26.54
N GLY C 30 -6.24 11.47 27.28
CA GLY C 30 -7.48 11.07 26.65
C GLY C 30 -7.73 9.60 26.40
N PHE C 31 -6.81 8.73 26.79
CA PHE C 31 -7.01 7.30 26.58
C PHE C 31 -8.18 6.82 27.41
N ASP C 32 -8.68 5.65 27.08
CA ASP C 32 -9.76 5.05 27.87
C ASP C 32 -9.13 3.92 28.70
N ILE C 33 -7.93 3.49 28.30
CA ILE C 33 -7.29 2.37 28.96
C ILE C 33 -5.81 2.52 29.22
N LEU C 34 -5.37 1.93 30.32
CA LEU C 34 -3.95 1.93 30.65
C LEU C 34 -3.76 0.43 30.77
N GLU C 35 -2.73 -0.09 30.12
CA GLU C 35 -2.49 -1.53 30.26
C GLU C 35 -1.25 -1.66 31.12
N ILE C 36 -1.27 -2.59 32.07
CA ILE C 36 -0.13 -2.74 32.94
C ILE C 36 0.42 -4.16 32.96
N ALA C 37 1.68 -4.29 33.37
CA ALA C 37 2.32 -5.58 33.48
C ALA C 37 1.75 -6.26 34.73
N ALA C 38 1.62 -7.57 34.65
CA ALA C 38 1.10 -8.31 35.77
C ALA C 38 2.12 -8.67 36.84
N SER C 39 3.41 -8.72 36.49
CA SER C 39 4.42 -9.17 37.45
C SER C 39 4.51 -8.53 38.85
N PRO C 40 4.24 -7.23 38.99
CA PRO C 40 4.33 -6.69 40.37
C PRO C 40 3.09 -7.00 41.17
N LEU C 41 1.97 -7.17 40.48
CA LEU C 41 0.71 -7.43 41.14
C LEU C 41 0.72 -8.49 42.27
N PRO C 42 1.49 -9.57 42.12
CA PRO C 42 1.51 -10.56 43.21
C PRO C 42 2.09 -10.03 44.53
N PHE C 43 2.78 -8.90 44.47
CA PHE C 43 3.40 -8.33 45.66
C PHE C 43 2.58 -7.21 46.27
N TYR C 44 1.35 -7.04 45.78
CA TYR C 44 0.44 -6.03 46.28
C TYR C 44 -0.45 -6.59 47.39
N SER C 45 -0.65 -5.79 48.41
CA SER C 45 -1.52 -6.12 49.54
C SER C 45 -2.95 -5.86 49.05
N ASP C 46 -3.96 -6.32 49.77
CA ASP C 46 -5.31 -6.02 49.33
C ASP C 46 -5.47 -4.52 49.41
N ILE C 47 -4.68 -3.88 50.26
CA ILE C 47 -4.79 -2.44 50.32
C ILE C 47 -4.27 -1.83 49.03
N GLN C 48 -3.08 -2.22 48.59
CA GLN C 48 -2.53 -1.67 47.34
C GLN C 48 -3.45 -1.94 46.14
N ILE C 49 -4.05 -3.12 46.09
CA ILE C 49 -4.95 -3.42 45.00
C ILE C 49 -6.10 -2.42 44.95
N ASN C 50 -6.66 -2.09 46.12
CA ASN C 50 -7.77 -1.14 46.21
C ASN C 50 -7.34 0.27 45.87
N GLU C 51 -6.14 0.62 46.29
CA GLU C 51 -5.59 1.93 46.02
C GLU C 51 -5.45 2.08 44.49
N LEU C 52 -5.17 0.96 43.81
CA LEU C 52 -5.00 1.00 42.36
C LEU C 52 -6.35 1.03 41.67
N LYS C 53 -7.27 0.18 42.10
CA LYS C 53 -8.59 0.17 41.49
C LYS C 53 -9.34 1.47 41.69
N ALA C 54 -9.00 2.20 42.76
CA ALA C 54 -9.68 3.45 43.04
C ALA C 54 -9.08 4.57 42.23
N CYS C 55 -7.76 4.54 42.03
CA CYS C 55 -7.09 5.56 41.22
C CYS C 55 -7.57 5.49 39.76
N ALA C 56 -8.01 4.31 39.33
CA ALA C 56 -8.46 4.09 37.96
C ALA C 56 -9.90 4.49 37.81
N HIS C 57 -10.75 3.99 38.69
CA HIS C 57 -12.18 4.31 38.65
C HIS C 57 -12.30 5.83 38.81
N GLY C 58 -11.38 6.40 39.56
CA GLY C 58 -11.43 7.82 39.77
C GLY C 58 -11.13 8.60 38.51
N ASN C 59 -9.99 8.29 37.86
CA ASN C 59 -9.57 8.99 36.65
C ASN C 59 -10.35 8.49 35.44
N GLY C 60 -11.34 7.66 35.69
CA GLY C 60 -12.15 7.12 34.61
C GLY C 60 -11.29 6.38 33.60
N ILE C 61 -10.47 5.48 34.09
CA ILE C 61 -9.58 4.69 33.27
C ILE C 61 -9.82 3.21 33.51
N THR C 62 -10.00 2.45 32.43
CA THR C 62 -10.17 1.01 32.56
C THR C 62 -8.74 0.44 32.54
N LEU C 63 -8.54 -0.64 33.28
CA LEU C 63 -7.23 -1.26 33.35
C LEU C 63 -7.22 -2.60 32.62
N THR C 64 -6.19 -2.83 31.81
CA THR C 64 -6.05 -4.13 31.16
C THR C 64 -4.69 -4.62 31.55
N VAL C 65 -4.52 -5.92 31.53
CA VAL C 65 -3.25 -6.51 31.94
C VAL C 65 -2.54 -7.31 30.84
N GLY C 66 -1.22 -7.17 30.82
CA GLY C 66 -0.43 -7.92 29.87
C GLY C 66 0.58 -8.70 30.69
N HIS C 67 1.05 -9.81 30.14
CA HIS C 67 2.04 -10.57 30.88
C HIS C 67 2.92 -11.46 30.02
N GLY C 68 4.23 -11.37 30.21
CA GLY C 68 5.16 -12.22 29.48
C GLY C 68 5.67 -13.20 30.53
N PRO C 69 5.11 -14.41 30.61
CA PRO C 69 5.51 -15.42 31.59
C PRO C 69 6.97 -15.80 31.64
N SER C 70 7.46 -16.13 32.84
CA SER C 70 8.84 -16.58 33.01
C SER C 70 8.85 -18.09 32.72
N ALA C 71 10.03 -18.69 32.62
CA ALA C 71 10.08 -20.14 32.38
C ALA C 71 9.32 -20.88 33.49
N GLU C 72 9.52 -20.48 34.75
CA GLU C 72 8.82 -21.12 35.86
C GLU C 72 7.29 -21.01 35.83
N GLN C 73 6.77 -20.16 34.96
CA GLN C 73 5.32 -19.97 34.87
C GLN C 73 4.74 -20.58 33.57
N ASN C 74 5.58 -21.37 32.89
CA ASN C 74 5.22 -21.98 31.61
C ASN C 74 4.19 -23.09 31.65
N LEU C 75 2.95 -22.73 31.41
CA LEU C 75 1.85 -23.69 31.40
C LEU C 75 2.05 -24.86 30.43
N SER C 76 2.98 -24.76 29.48
CA SER C 76 3.17 -25.83 28.50
C SER C 76 4.36 -26.74 28.79
N SER C 77 5.05 -26.50 29.89
CA SER C 77 6.22 -27.27 30.26
C SER C 77 6.02 -28.79 30.39
N PRO C 78 7.06 -29.55 30.00
CA PRO C 78 7.04 -31.01 30.07
C PRO C 78 7.15 -31.42 31.53
N ASP C 79 7.75 -30.53 32.32
CA ASP C 79 7.95 -30.70 33.75
C ASP C 79 6.61 -30.47 34.46
N PRO C 80 6.01 -31.55 34.98
CA PRO C 80 4.72 -31.44 35.68
C PRO C 80 4.70 -30.52 36.89
N ASP C 81 5.87 -30.28 37.50
CA ASP C 81 5.94 -29.38 38.64
C ASP C 81 5.76 -27.94 38.16
N ILE C 82 6.53 -27.57 37.13
CA ILE C 82 6.42 -26.25 36.58
C ILE C 82 4.99 -25.98 36.15
N ARG C 83 4.30 -26.97 35.61
CA ARG C 83 2.92 -26.71 35.20
C ARG C 83 2.06 -26.43 36.41
N LYS C 84 2.33 -27.17 37.48
CA LYS C 84 1.58 -27.02 38.73
C LYS C 84 1.78 -25.60 39.28
N ASN C 85 3.04 -25.16 39.31
CA ASN C 85 3.37 -23.83 39.80
C ASN C 85 2.72 -22.76 38.90
N ALA C 86 2.77 -23.01 37.59
CA ALA C 86 2.22 -22.12 36.60
C ALA C 86 0.73 -21.94 36.84
N LYS C 87 0.02 -23.04 37.03
CA LYS C 87 -1.42 -22.95 37.24
C LYS C 87 -1.80 -22.18 38.51
N ALA C 88 -1.02 -22.34 39.57
CA ALA C 88 -1.29 -21.64 40.83
C ALA C 88 -1.09 -20.14 40.62
N PHE C 89 0.00 -19.81 39.94
CA PHE C 89 0.32 -18.42 39.62
C PHE C 89 -0.84 -17.71 38.94
N TYR C 90 -1.35 -18.28 37.84
CA TYR C 90 -2.46 -17.67 37.11
C TYR C 90 -3.72 -17.73 37.95
N THR C 91 -3.84 -18.78 38.76
CA THR C 91 -5.02 -18.89 39.60
C THR C 91 -5.05 -17.71 40.57
N ASP C 92 -3.89 -17.45 41.20
CA ASP C 92 -3.77 -16.34 42.14
C ASP C 92 -3.94 -15.01 41.42
N LEU C 93 -3.26 -14.88 40.28
CA LEU C 93 -3.31 -13.64 39.50
C LEU C 93 -4.72 -13.29 39.04
N LEU C 94 -5.43 -14.27 38.49
CA LEU C 94 -6.80 -14.01 38.06
C LEU C 94 -7.63 -13.53 39.25
N LYS C 95 -7.40 -14.12 40.43
CA LYS C 95 -8.15 -13.72 41.61
C LYS C 95 -7.86 -12.27 41.93
N ARG C 96 -6.60 -11.86 41.82
CA ARG C 96 -6.23 -10.47 42.05
C ARG C 96 -6.89 -9.56 41.01
N LEU C 97 -6.89 -9.99 39.75
CA LEU C 97 -7.50 -9.20 38.67
C LEU C 97 -8.97 -8.93 38.98
N TYR C 98 -9.67 -9.93 39.51
CA TYR C 98 -11.08 -9.76 39.84
C TYR C 98 -11.21 -8.64 40.88
N LYS C 99 -10.30 -8.59 41.83
CA LYS C 99 -10.34 -7.55 42.84
C LYS C 99 -10.12 -6.17 42.23
N LEU C 100 -9.29 -6.11 41.18
CA LEU C 100 -9.01 -4.84 40.53
C LEU C 100 -10.08 -4.49 39.50
N ASP C 101 -11.05 -5.40 39.33
CA ASP C 101 -12.12 -5.27 38.34
C ASP C 101 -11.50 -5.13 36.94
N VAL C 102 -10.48 -5.95 36.70
CA VAL C 102 -9.76 -6.02 35.44
C VAL C 102 -10.42 -7.22 34.77
N HIS C 103 -10.94 -7.05 33.57
CA HIS C 103 -11.62 -8.16 32.92
C HIS C 103 -10.89 -8.76 31.72
N LEU C 104 -9.63 -8.38 31.53
CA LEU C 104 -8.86 -8.89 30.41
C LEU C 104 -7.36 -8.99 30.69
N ILE C 105 -6.78 -10.16 30.43
CA ILE C 105 -5.33 -10.31 30.55
C ILE C 105 -4.82 -10.85 29.19
N GLY C 106 -3.65 -10.40 28.74
CA GLY C 106 -3.15 -10.88 27.44
C GLY C 106 -1.64 -11.04 27.32
N GLY C 107 -1.21 -11.84 26.33
CA GLY C 107 0.21 -12.07 26.11
C GLY C 107 0.44 -13.53 25.76
N ALA C 108 1.68 -13.98 25.82
CA ALA C 108 2.01 -15.36 25.49
C ALA C 108 1.62 -16.24 26.70
N LEU C 109 0.36 -16.16 27.10
CA LEU C 109 -0.09 -16.90 28.28
C LEU C 109 -0.03 -18.41 28.18
N TYR C 110 0.08 -18.92 26.96
CA TYR C 110 0.15 -20.36 26.66
C TYR C 110 1.59 -20.88 26.60
N SER C 111 2.55 -20.02 26.87
CA SER C 111 3.94 -20.42 26.77
C SER C 111 4.70 -19.53 27.73
N TYR C 112 5.88 -19.08 27.34
CA TYR C 112 6.61 -18.15 28.19
C TYR C 112 7.33 -17.14 27.27
N TRP C 113 7.95 -16.10 27.82
CA TRP C 113 8.55 -15.06 26.98
C TRP C 113 9.53 -14.22 27.77
N PRO C 114 10.71 -13.95 27.22
CA PRO C 114 11.24 -14.36 25.91
C PRO C 114 11.51 -15.88 25.90
N ILE C 115 11.51 -16.47 24.73
CA ILE C 115 11.77 -17.90 24.64
C ILE C 115 13.27 -18.12 24.60
N ASP C 116 13.72 -19.23 25.19
CA ASP C 116 15.12 -19.56 25.16
C ASP C 116 15.23 -20.59 24.03
N TYR C 117 15.73 -20.15 22.89
CA TYR C 117 15.82 -21.00 21.74
C TYR C 117 16.91 -22.08 21.78
N THR C 118 17.86 -21.95 22.69
CA THR C 118 18.88 -22.99 22.79
C THR C 118 18.17 -24.25 23.29
N LYS C 119 17.24 -24.06 24.22
CA LYS C 119 16.48 -25.21 24.71
C LYS C 119 15.91 -25.84 23.42
N THR C 120 16.02 -27.16 23.26
CA THR C 120 15.47 -27.84 22.06
C THR C 120 13.95 -27.62 22.02
N ILE C 121 13.38 -27.52 20.82
CA ILE C 121 11.93 -27.28 20.73
C ILE C 121 11.11 -28.53 20.47
N ASP C 122 10.03 -28.69 21.23
CA ASP C 122 9.09 -29.80 21.05
C ASP C 122 7.73 -29.13 20.88
N LYS C 123 7.48 -28.61 19.69
CA LYS C 123 6.24 -27.92 19.40
C LYS C 123 4.99 -28.78 19.63
N LYS C 124 5.01 -29.99 19.07
CA LYS C 124 3.85 -30.85 19.20
C LYS C 124 3.57 -31.16 20.68
N GLY C 125 4.63 -31.39 21.44
CA GLY C 125 4.47 -31.67 22.86
C GLY C 125 3.91 -30.48 23.60
N ASP C 126 4.64 -29.35 23.56
CA ASP C 126 4.20 -28.16 24.26
C ASP C 126 2.82 -27.72 23.83
N TRP C 127 2.50 -27.92 22.56
CA TRP C 127 1.20 -27.50 22.08
C TRP C 127 0.09 -28.24 22.83
N GLU C 128 0.23 -29.57 22.94
CA GLU C 128 -0.81 -30.39 23.61
C GLU C 128 -0.87 -30.07 25.11
N ARG C 129 0.29 -29.98 25.75
CA ARG C 129 0.33 -29.61 27.16
C ARG C 129 -0.38 -28.25 27.37
N SER C 130 -0.07 -27.24 26.54
CA SER C 130 -0.68 -25.92 26.71
C SER C 130 -2.17 -25.94 26.63
N VAL C 131 -2.67 -26.58 25.59
CA VAL C 131 -4.11 -26.67 25.38
C VAL C 131 -4.77 -27.21 26.66
N GLU C 132 -4.20 -28.27 27.22
CA GLU C 132 -4.74 -28.87 28.44
C GLU C 132 -4.66 -27.86 29.58
N SER C 133 -3.47 -27.31 29.83
CA SER C 133 -3.25 -26.32 30.88
C SER C 133 -4.15 -25.06 30.78
N VAL C 134 -4.30 -24.51 29.58
CA VAL C 134 -5.14 -23.32 29.38
C VAL C 134 -6.62 -23.57 29.65
N ARG C 135 -7.11 -24.74 29.23
CA ARG C 135 -8.51 -25.10 29.45
C ARG C 135 -8.76 -25.05 30.96
N GLU C 136 -7.84 -25.60 31.76
CA GLU C 136 -8.00 -25.54 33.20
C GLU C 136 -8.05 -24.07 33.68
N VAL C 137 -6.94 -23.35 33.48
CA VAL C 137 -6.85 -21.95 33.89
C VAL C 137 -8.10 -21.20 33.47
N ALA C 138 -8.64 -21.60 32.33
CA ALA C 138 -9.83 -20.97 31.78
C ALA C 138 -11.04 -21.00 32.73
N LYS C 139 -11.19 -22.06 33.51
CA LYS C 139 -12.33 -22.12 34.41
C LYS C 139 -12.15 -21.05 35.47
N VAL C 140 -10.91 -20.88 35.93
CA VAL C 140 -10.58 -19.87 36.92
C VAL C 140 -10.88 -18.49 36.37
N ALA C 141 -10.51 -18.31 35.10
CA ALA C 141 -10.70 -17.05 34.38
C ALA C 141 -12.19 -16.72 34.29
N GLU C 142 -13.01 -17.74 34.06
CA GLU C 142 -14.44 -17.52 33.94
C GLU C 142 -14.95 -17.02 35.30
N ALA C 143 -14.58 -17.74 36.36
CA ALA C 143 -14.99 -17.39 37.72
C ALA C 143 -14.61 -15.95 38.06
N CYS C 144 -13.39 -15.56 37.73
CA CYS C 144 -12.96 -14.21 38.03
C CYS C 144 -13.45 -13.20 37.00
N GLY C 145 -14.21 -13.65 36.00
CA GLY C 145 -14.72 -12.73 34.99
C GLY C 145 -13.63 -12.13 34.09
N VAL C 146 -12.62 -12.92 33.80
CA VAL C 146 -11.52 -12.45 32.96
C VAL C 146 -11.39 -13.14 31.61
N ASP C 147 -11.18 -12.34 30.57
CA ASP C 147 -10.93 -12.88 29.24
C ASP C 147 -9.44 -13.21 29.11
N PHE C 148 -9.11 -14.48 29.02
CA PHE C 148 -7.73 -14.98 28.89
C PHE C 148 -7.34 -14.91 27.38
N CYS C 149 -6.65 -13.84 26.99
CA CYS C 149 -6.29 -13.63 25.58
C CYS C 149 -4.90 -14.12 25.15
N LEU C 150 -4.88 -15.05 24.20
CA LEU C 150 -3.61 -15.63 23.73
C LEU C 150 -3.03 -14.84 22.54
N GLU C 151 -1.95 -14.10 22.79
CA GLU C 151 -1.33 -13.26 21.76
C GLU C 151 -0.51 -14.09 20.75
N VAL C 152 -0.80 -13.84 19.48
CA VAL C 152 -0.11 -14.53 18.39
C VAL C 152 1.15 -13.70 18.17
N LEU C 153 2.32 -14.32 18.29
CA LEU C 153 3.61 -13.61 18.16
C LEU C 153 4.49 -14.08 16.99
N ASN C 154 5.40 -13.22 16.56
CA ASN C 154 6.29 -13.61 15.47
C ASN C 154 7.18 -14.77 15.92
N ARG C 155 7.75 -15.45 14.94
CA ARG C 155 8.62 -16.61 15.14
C ARG C 155 9.83 -16.41 16.05
N PHE C 156 10.30 -15.17 16.18
CA PHE C 156 11.47 -14.93 17.01
C PHE C 156 11.12 -14.80 18.50
N GLU C 157 9.85 -14.70 18.81
CA GLU C 157 9.49 -14.54 20.19
C GLU C 157 8.67 -15.69 20.76
N ASN C 158 8.23 -16.57 19.88
CA ASN C 158 7.39 -17.71 20.27
C ASN C 158 7.42 -18.72 19.09
N TYR C 159 7.22 -20.02 19.37
CA TYR C 159 7.22 -21.02 18.30
C TYR C 159 5.89 -21.74 18.24
N LEU C 160 5.08 -21.60 19.28
CA LEU C 160 3.81 -22.28 19.30
C LEU C 160 2.70 -21.74 18.39
N ILE C 161 2.48 -20.43 18.45
CA ILE C 161 1.42 -19.77 17.69
C ILE C 161 1.97 -18.52 17.02
N ASN C 162 2.08 -18.58 15.70
CA ASN C 162 2.67 -17.51 14.92
C ASN C 162 1.71 -16.80 13.98
N THR C 163 0.56 -17.38 13.74
CA THR C 163 -0.40 -16.72 12.86
C THR C 163 -1.77 -16.80 13.47
N ALA C 164 -2.66 -15.90 13.05
CA ALA C 164 -4.05 -15.90 13.51
C ALA C 164 -4.69 -17.27 13.34
N GLN C 165 -4.40 -17.96 12.22
CA GLN C 165 -4.99 -19.29 11.99
C GLN C 165 -4.55 -20.24 13.07
N GLU C 166 -3.25 -20.24 13.38
CA GLU C 166 -2.80 -21.11 14.47
C GLU C 166 -3.54 -20.71 15.76
N GLY C 167 -3.61 -19.42 16.05
CA GLY C 167 -4.26 -18.97 17.27
C GLY C 167 -5.67 -19.52 17.36
N VAL C 168 -6.39 -19.42 16.25
CA VAL C 168 -7.76 -19.91 16.17
C VAL C 168 -7.81 -21.43 16.39
N ASP C 169 -6.88 -22.17 15.80
CA ASP C 169 -6.89 -23.61 16.02
C ASP C 169 -6.65 -23.91 17.49
N PHE C 170 -5.68 -23.23 18.08
CA PHE C 170 -5.38 -23.44 19.48
C PHE C 170 -6.60 -23.16 20.37
N VAL C 171 -7.25 -22.03 20.13
CA VAL C 171 -8.40 -21.62 20.91
C VAL C 171 -9.57 -22.60 20.76
N LYS C 172 -9.88 -23.00 19.53
CA LYS C 172 -10.93 -23.96 19.24
C LYS C 172 -10.66 -25.29 19.93
N GLN C 173 -9.40 -25.70 19.97
CA GLN C 173 -9.00 -26.95 20.61
C GLN C 173 -9.16 -26.84 22.14
N VAL C 174 -8.99 -25.63 22.66
CA VAL C 174 -9.15 -25.38 24.10
C VAL C 174 -10.65 -25.47 24.36
N ASP C 175 -11.41 -24.90 23.44
CA ASP C 175 -12.87 -24.88 23.49
C ASP C 175 -13.41 -24.42 24.84
N HIS C 176 -13.25 -23.12 25.12
CA HIS C 176 -13.74 -22.49 26.34
C HIS C 176 -13.91 -20.98 26.15
N ASN C 177 -15.13 -20.52 26.34
CA ASN C 177 -15.51 -19.12 26.15
C ASN C 177 -14.63 -18.00 26.68
N ASN C 178 -13.89 -18.25 27.75
CA ASN C 178 -13.06 -17.21 28.29
C ASN C 178 -11.66 -17.13 27.66
N VAL C 179 -11.45 -17.96 26.64
CA VAL C 179 -10.17 -17.97 25.95
C VAL C 179 -10.37 -17.31 24.60
N LYS C 180 -9.61 -16.26 24.36
CA LYS C 180 -9.70 -15.49 23.13
C LYS C 180 -8.37 -15.45 22.40
N VAL C 181 -8.44 -15.05 21.13
CA VAL C 181 -7.27 -14.90 20.32
C VAL C 181 -6.95 -13.42 20.41
N MET C 182 -5.67 -13.09 20.50
CA MET C 182 -5.28 -11.69 20.56
C MET C 182 -4.30 -11.46 19.39
N LEU C 183 -4.42 -10.34 18.67
CA LEU C 183 -3.50 -10.06 17.57
C LEU C 183 -2.74 -8.79 17.91
N ASP C 184 -1.62 -8.59 17.22
CA ASP C 184 -0.74 -7.43 17.42
C ASP C 184 -0.13 -7.07 16.03
N THR C 185 -0.35 -5.83 15.58
CA THR C 185 0.12 -5.36 14.30
C THR C 185 1.60 -5.52 14.08
N PHE C 186 2.40 -5.43 15.13
CA PHE C 186 3.84 -5.60 14.95
C PHE C 186 4.13 -7.09 14.57
N HIS C 187 3.40 -7.97 15.23
CA HIS C 187 3.57 -9.39 15.02
C HIS C 187 2.95 -9.90 13.70
N MET C 188 1.77 -9.40 13.37
CA MET C 188 1.09 -9.76 12.15
C MET C 188 1.93 -9.33 10.94
N ASN C 189 2.60 -8.20 11.09
CA ASN C 189 3.41 -7.63 10.03
C ASN C 189 4.49 -8.58 9.55
N ILE C 190 4.96 -9.42 10.44
CA ILE C 190 5.98 -10.37 10.05
C ILE C 190 5.41 -11.69 9.50
N GLU C 191 4.47 -12.27 10.22
CA GLU C 191 3.98 -13.57 9.86
C GLU C 191 2.81 -13.76 8.92
N GLU C 192 1.93 -12.78 8.79
CA GLU C 192 0.74 -12.97 7.99
C GLU C 192 0.82 -12.68 6.49
N ASP C 193 0.06 -13.44 5.70
CA ASP C 193 0.00 -13.18 4.25
C ASP C 193 -0.87 -11.96 4.02
N SER C 194 -1.88 -11.81 4.88
CA SER C 194 -2.86 -10.72 4.78
C SER C 194 -3.23 -10.16 6.18
N ILE C 195 -3.16 -8.84 6.33
CA ILE C 195 -3.49 -8.26 7.64
C ILE C 195 -5.01 -8.32 7.84
N GLY C 196 -5.76 -7.75 6.91
CA GLY C 196 -7.21 -7.79 6.98
C GLY C 196 -7.69 -9.22 7.02
N GLY C 197 -7.00 -10.10 6.30
CA GLY C 197 -7.38 -11.50 6.30
C GLY C 197 -7.11 -12.16 7.65
N ALA C 198 -6.00 -11.80 8.30
CA ALA C 198 -5.67 -12.39 9.59
C ALA C 198 -6.76 -11.99 10.60
N ILE C 199 -7.20 -10.75 10.51
CA ILE C 199 -8.22 -10.24 11.41
C ILE C 199 -9.52 -10.98 11.16
N ARG C 200 -9.90 -11.08 9.88
CA ARG C 200 -11.13 -11.79 9.49
C ARG C 200 -11.06 -13.24 9.88
N THR C 201 -9.87 -13.80 9.89
CA THR C 201 -9.71 -15.21 10.29
C THR C 201 -9.96 -15.32 11.82
N ALA C 202 -9.41 -14.37 12.57
CA ALA C 202 -9.60 -14.39 14.01
C ALA C 202 -11.09 -14.22 14.27
N GLY C 203 -11.72 -13.38 13.46
CA GLY C 203 -13.15 -13.15 13.59
C GLY C 203 -13.73 -13.06 15.00
N SER C 204 -14.69 -13.93 15.29
CA SER C 204 -15.36 -13.86 16.58
C SER C 204 -14.45 -14.16 17.78
N TYR C 205 -13.39 -14.93 17.54
CA TYR C 205 -12.46 -15.25 18.61
C TYR C 205 -11.52 -14.09 18.97
N LEU C 206 -11.56 -12.98 18.24
CA LEU C 206 -10.67 -11.88 18.58
C LEU C 206 -11.10 -11.21 19.90
N GLY C 207 -10.22 -11.26 20.90
CA GLY C 207 -10.55 -10.66 22.18
C GLY C 207 -9.73 -9.47 22.58
N HIS C 208 -8.68 -9.18 21.83
CA HIS C 208 -7.86 -8.05 22.16
C HIS C 208 -6.92 -7.72 21.00
N LEU C 209 -6.60 -6.44 20.84
CA LEU C 209 -5.73 -6.03 19.76
C LEU C 209 -4.64 -5.05 20.20
N HIS C 210 -3.39 -5.42 19.94
CA HIS C 210 -2.25 -4.57 20.21
C HIS C 210 -1.88 -3.81 18.93
N THR C 211 -1.40 -2.57 19.08
CA THR C 211 -1.00 -1.83 17.91
C THR C 211 0.39 -1.22 18.02
N GLY C 212 1.01 -1.04 16.87
CA GLY C 212 2.34 -0.49 16.79
C GLY C 212 2.80 -0.58 15.34
N GLU C 213 3.76 0.25 14.99
CA GLU C 213 4.28 0.24 13.63
C GLU C 213 5.20 -0.98 13.44
N CYS C 214 5.62 -1.20 12.19
CA CYS C 214 6.48 -2.33 11.85
C CYS C 214 7.70 -2.41 12.79
N ASN C 215 8.23 -1.25 13.15
CA ASN C 215 9.40 -1.18 14.01
C ASN C 215 9.05 -0.72 15.45
N ARG C 216 7.76 -0.82 15.78
CA ARG C 216 7.23 -0.51 17.12
C ARG C 216 7.03 0.97 17.50
N LYS C 217 7.03 1.87 16.51
CA LYS C 217 6.78 3.27 16.79
C LYS C 217 5.29 3.43 17.04
N VAL C 218 4.87 4.61 17.51
CA VAL C 218 3.45 4.79 17.75
C VAL C 218 2.72 4.67 16.44
N PRO C 219 1.45 4.23 16.49
CA PRO C 219 0.62 4.06 15.31
C PRO C 219 0.43 5.31 14.50
N GLY C 220 0.58 5.15 13.18
CA GLY C 220 0.34 6.28 12.29
C GLY C 220 1.30 6.76 11.24
N ARG C 221 2.58 6.78 11.52
CA ARG C 221 3.45 7.31 10.49
C ARG C 221 4.36 6.26 9.84
N GLY C 222 4.02 4.98 10.04
CA GLY C 222 4.82 3.90 9.47
C GLY C 222 4.10 3.21 8.32
N ARG C 223 4.35 1.92 8.12
CA ARG C 223 3.77 1.19 7.02
C ARG C 223 2.62 0.27 7.36
N ILE C 224 2.26 0.15 8.64
CA ILE C 224 1.15 -0.73 8.97
C ILE C 224 -0.09 -0.23 8.22
N PRO C 225 -0.90 -1.14 7.66
CA PRO C 225 -2.06 -0.63 6.93
C PRO C 225 -3.25 -0.39 7.84
N TRP C 226 -3.24 0.75 8.51
CA TRP C 226 -4.34 1.08 9.45
C TRP C 226 -5.76 1.06 8.85
N VAL C 227 -5.95 1.65 7.68
CA VAL C 227 -7.30 1.65 7.07
C VAL C 227 -7.80 0.22 6.84
N GLU C 228 -6.92 -0.63 6.29
CA GLU C 228 -7.29 -2.02 6.05
C GLU C 228 -7.73 -2.68 7.39
N ILE C 229 -7.07 -2.29 8.48
CA ILE C 229 -7.40 -2.85 9.81
C ILE C 229 -8.77 -2.34 10.28
N GLY C 230 -9.00 -1.04 10.21
CA GLY C 230 -10.28 -0.50 10.61
C GLY C 230 -11.37 -1.22 9.87
N GLU C 231 -11.18 -1.40 8.56
CA GLU C 231 -12.17 -2.07 7.74
C GLU C 231 -12.43 -3.51 8.18
N ALA C 232 -11.38 -4.26 8.41
CA ALA C 232 -11.55 -5.65 8.85
C ALA C 232 -12.15 -5.77 10.29
N LEU C 233 -11.80 -4.85 11.17
CA LEU C 233 -12.36 -4.89 12.53
C LEU C 233 -13.87 -4.68 12.33
N ALA C 234 -14.24 -3.70 11.51
CA ALA C 234 -15.64 -3.46 11.20
C ALA C 234 -16.27 -4.71 10.58
N ASP C 235 -15.62 -5.35 9.61
CA ASP C 235 -16.22 -6.54 9.02
C ASP C 235 -16.50 -7.64 10.05
N ILE C 236 -15.67 -7.78 11.07
CA ILE C 236 -15.92 -8.85 12.04
C ILE C 236 -16.73 -8.33 13.23
N GLY C 237 -17.12 -7.06 13.17
CA GLY C 237 -17.90 -6.49 14.25
C GLY C 237 -17.10 -6.55 15.54
N TYR C 238 -15.93 -5.93 15.53
CA TYR C 238 -15.09 -5.92 16.72
C TYR C 238 -15.38 -4.72 17.60
N ASN C 239 -15.82 -4.96 18.83
CA ASN C 239 -16.06 -3.82 19.70
C ASN C 239 -15.09 -3.85 20.89
N GLY C 240 -14.19 -4.83 20.94
CA GLY C 240 -13.26 -4.92 22.07
C GLY C 240 -12.35 -3.71 22.14
N SER C 241 -11.25 -3.82 22.88
CA SER C 241 -10.37 -2.68 22.96
C SER C 241 -9.16 -2.81 22.03
N VAL C 242 -8.46 -1.69 21.87
CA VAL C 242 -7.30 -1.60 21.03
C VAL C 242 -6.25 -0.88 21.89
N VAL C 243 -5.14 -1.53 22.20
CA VAL C 243 -4.07 -0.92 23.00
C VAL C 243 -2.75 -0.72 22.23
N MET C 244 -2.21 0.50 22.16
CA MET C 244 -0.93 0.66 21.48
C MET C 244 0.15 0.25 22.47
N GLU C 245 1.25 -0.25 21.93
CA GLU C 245 2.34 -0.79 22.72
C GLU C 245 3.66 -0.42 22.01
N PRO C 246 3.90 0.88 21.88
CA PRO C 246 5.13 1.33 21.23
C PRO C 246 6.30 1.19 22.16
N PHE C 247 7.46 0.93 21.57
CA PHE C 247 8.66 0.78 22.32
C PHE C 247 9.68 1.54 21.50
N VAL C 248 10.06 2.72 21.97
CA VAL C 248 11.02 3.51 21.22
C VAL C 248 12.31 3.86 21.95
N ARG C 249 12.54 3.25 23.10
CA ARG C 249 13.75 3.54 23.89
C ARG C 249 14.67 2.39 24.17
N MET C 250 15.97 2.63 24.04
CA MET C 250 16.97 1.62 24.37
C MET C 250 17.11 1.52 25.90
N GLY C 251 17.99 0.61 26.34
CA GLY C 251 18.28 0.43 27.75
C GLY C 251 17.28 -0.32 28.60
N GLY C 252 17.80 -1.02 29.61
CA GLY C 252 16.95 -1.74 30.55
C GLY C 252 16.38 -3.09 30.14
N THR C 253 15.68 -3.73 31.06
CA THR C 253 15.08 -5.02 30.77
C THR C 253 14.08 -4.93 29.58
N VAL C 254 13.42 -3.79 29.44
CA VAL C 254 12.46 -3.60 28.37
C VAL C 254 13.20 -3.41 27.03
N GLY C 255 14.23 -2.58 27.05
CA GLY C 255 15.03 -2.31 25.87
C GLY C 255 15.72 -3.56 25.38
N SER C 256 16.17 -4.37 26.33
CA SER C 256 16.86 -5.60 26.00
C SER C 256 15.86 -6.67 25.55
N ASN C 257 14.74 -6.81 26.25
CA ASN C 257 13.75 -7.80 25.85
C ASN C 257 13.07 -7.48 24.50
N ILE C 258 12.91 -6.20 24.18
CA ILE C 258 12.23 -5.76 22.96
C ILE C 258 13.23 -5.63 21.82
N LYS C 259 14.50 -5.58 22.21
CA LYS C 259 15.61 -5.48 21.29
C LYS C 259 15.72 -4.15 20.56
N VAL C 260 15.60 -3.06 21.31
CA VAL C 260 15.73 -1.74 20.71
C VAL C 260 17.23 -1.45 20.76
N TRP C 261 17.88 -1.46 19.61
CA TRP C 261 19.31 -1.26 19.61
C TRP C 261 19.77 0.05 19.00
N ARG C 262 18.86 0.99 18.92
CA ARG C 262 19.19 2.30 18.40
C ARG C 262 18.13 3.18 19.05
N ASP C 263 18.37 4.47 19.13
CA ASP C 263 17.35 5.32 19.74
C ASP C 263 16.26 5.66 18.75
N ILE C 264 15.26 4.80 18.70
CA ILE C 264 14.14 4.99 17.82
C ILE C 264 13.29 6.24 18.16
N SER C 265 13.24 6.65 19.44
CA SER C 265 12.45 7.83 19.83
C SER C 265 13.16 9.12 19.39
N ASN C 266 14.41 8.96 18.98
CA ASN C 266 15.19 10.11 18.54
C ASN C 266 15.29 11.22 19.61
N GLY C 267 15.70 10.82 20.80
CA GLY C 267 15.87 11.78 21.86
C GLY C 267 14.61 12.40 22.40
N ALA C 268 13.48 11.73 22.27
CA ALA C 268 12.25 12.27 22.79
C ALA C 268 12.30 12.32 24.31
N ASP C 269 11.81 13.41 24.90
CA ASP C 269 11.75 13.51 26.35
C ASP C 269 10.34 13.10 26.69
N GLU C 270 10.04 12.98 27.98
CA GLU C 270 8.71 12.55 28.37
C GLU C 270 7.54 13.34 27.81
N LYS C 271 7.67 14.66 27.72
CA LYS C 271 6.56 15.46 27.19
C LYS C 271 6.41 15.19 25.69
N MET C 272 7.54 14.96 25.04
CA MET C 272 7.58 14.65 23.60
C MET C 272 6.89 13.27 23.38
N LEU C 273 7.22 12.29 24.24
CA LEU C 273 6.59 10.97 24.16
C LEU C 273 5.10 11.08 24.41
N ASP C 274 4.70 11.97 25.33
CA ASP C 274 3.29 12.17 25.65
C ASP C 274 2.55 12.71 24.42
N ARG C 275 3.20 13.66 23.77
CA ARG C 275 2.62 14.33 22.62
C ARG C 275 2.35 13.34 21.50
N GLU C 276 3.36 12.54 21.17
CA GLU C 276 3.25 11.55 20.11
C GLU C 276 2.21 10.48 20.45
N ALA C 277 2.13 10.09 21.71
CA ALA C 277 1.14 9.09 22.07
C ALA C 277 -0.25 9.67 21.94
N GLN C 278 -0.39 10.96 22.21
CA GLN C 278 -1.71 11.59 22.11
C GLN C 278 -2.11 11.75 20.63
N ALA C 279 -1.14 12.12 19.80
CA ALA C 279 -1.42 12.26 18.36
C ALA C 279 -1.82 10.86 17.84
N ALA C 280 -1.01 9.85 18.17
CA ALA C 280 -1.30 8.48 17.72
C ALA C 280 -2.69 8.04 18.18
N LEU C 281 -3.10 8.56 19.34
CA LEU C 281 -4.40 8.23 19.87
C LEU C 281 -5.46 8.89 18.99
N ASP C 282 -5.27 10.14 18.64
CA ASP C 282 -6.25 10.83 17.78
C ASP C 282 -6.29 10.07 16.43
N PHE C 283 -5.13 9.74 15.90
CA PHE C 283 -5.07 9.02 14.64
C PHE C 283 -5.86 7.72 14.73
N SER C 284 -5.62 6.95 15.78
CA SER C 284 -6.29 5.66 15.94
C SER C 284 -7.79 5.74 16.08
N ARG C 285 -8.29 6.75 16.78
CA ARG C 285 -9.74 6.90 16.94
C ARG C 285 -10.33 7.23 15.56
N TYR C 286 -9.66 8.15 14.86
CA TYR C 286 -10.10 8.61 13.55
C TYR C 286 -10.06 7.50 12.49
N VAL C 287 -8.91 6.89 12.30
CA VAL C 287 -8.76 5.88 11.27
C VAL C 287 -9.36 4.52 11.52
N LEU C 288 -9.19 4.01 12.72
CA LEU C 288 -9.68 2.72 13.03
C LEU C 288 -11.15 2.54 13.28
N GLU C 289 -11.89 3.60 13.57
CA GLU C 289 -13.29 3.33 13.85
C GLU C 289 -14.25 3.56 12.70
N MET D 2 4.89 23.07 7.96
CA MET D 2 4.06 23.59 6.84
C MET D 2 2.68 24.07 7.30
N LYS D 3 2.02 24.89 6.48
CA LYS D 3 0.70 25.39 6.83
C LYS D 3 -0.42 24.60 6.14
N HIS D 4 -1.48 24.32 6.88
CA HIS D 4 -2.61 23.57 6.37
C HIS D 4 -3.82 24.45 6.19
N GLY D 5 -4.57 24.19 5.12
CA GLY D 5 -5.76 24.96 4.85
C GLY D 5 -6.87 24.09 4.30
N ILE D 6 -7.99 24.71 3.97
CA ILE D 6 -9.10 24.00 3.42
C ILE D 6 -9.81 24.97 2.50
N TYR D 7 -10.26 24.47 1.37
CA TYR D 7 -10.94 25.26 0.37
C TYR D 7 -12.35 25.54 0.89
N TYR D 8 -12.84 26.77 0.74
CA TYR D 8 -14.16 27.12 1.28
C TYR D 8 -15.27 26.31 0.64
N ALA D 9 -15.12 25.94 -0.63
CA ALA D 9 -16.17 25.19 -1.34
C ALA D 9 -16.57 23.89 -0.67
N TYR D 10 -15.81 23.46 0.32
CA TYR D 10 -16.16 22.23 1.01
C TYR D 10 -17.54 22.44 1.65
N TRP D 11 -17.91 23.69 1.93
CA TRP D 11 -19.21 23.96 2.55
C TRP D 11 -20.30 24.55 1.60
N GLU D 12 -19.88 25.03 0.43
CA GLU D 12 -20.78 25.65 -0.52
C GLU D 12 -20.97 24.91 -1.85
N GLN D 13 -22.05 25.26 -2.56
CA GLN D 13 -22.37 24.66 -3.86
C GLN D 13 -22.18 25.61 -5.04
N GLU D 14 -21.61 26.78 -4.79
CA GLU D 14 -21.38 27.77 -5.84
C GLU D 14 -19.98 28.30 -5.66
N TRP D 15 -19.38 28.81 -6.73
CA TRP D 15 -18.01 29.30 -6.68
C TRP D 15 -17.86 30.69 -6.07
N GLU D 16 -18.60 30.92 -4.96
CA GLU D 16 -18.56 32.19 -4.25
C GLU D 16 -19.27 31.95 -2.93
N ALA D 17 -19.06 32.86 -1.98
CA ALA D 17 -19.71 32.78 -0.66
C ALA D 17 -19.10 33.87 0.21
N ASP D 18 -19.59 33.98 1.44
CA ASP D 18 -19.03 34.98 2.34
C ASP D 18 -17.72 34.46 2.92
N TYR D 19 -16.60 34.88 2.31
CA TYR D 19 -15.31 34.41 2.77
C TYR D 19 -15.00 34.79 4.20
N LYS D 20 -15.59 35.88 4.68
CA LYS D 20 -15.34 36.31 6.05
C LYS D 20 -15.92 35.29 6.99
N TYR D 21 -17.12 34.82 6.69
CA TYR D 21 -17.74 33.80 7.52
C TYR D 21 -16.81 32.56 7.64
N TYR D 22 -16.26 32.14 6.50
CA TYR D 22 -15.38 30.96 6.45
C TYR D 22 -14.04 31.18 7.14
N ILE D 23 -13.52 32.41 7.10
CA ILE D 23 -12.25 32.69 7.78
C ILE D 23 -12.42 32.42 9.29
N GLU D 24 -13.50 32.93 9.86
CA GLU D 24 -13.73 32.74 11.28
C GLU D 24 -14.02 31.29 11.59
N LYS D 25 -14.65 30.59 10.65
CA LYS D 25 -14.93 29.19 10.89
C LYS D 25 -13.63 28.40 10.91
N VAL D 26 -12.86 28.47 9.83
CA VAL D 26 -11.63 27.68 9.79
C VAL D 26 -10.64 28.07 10.88
N ALA D 27 -10.73 29.30 11.36
CA ALA D 27 -9.83 29.75 12.42
C ALA D 27 -10.24 29.00 13.69
N LYS D 28 -11.53 28.84 13.90
CA LYS D 28 -12.01 28.12 15.07
C LYS D 28 -11.55 26.68 14.98
N LEU D 29 -11.62 26.11 13.78
CA LEU D 29 -11.24 24.73 13.58
C LEU D 29 -9.74 24.48 13.69
N GLY D 30 -8.91 25.51 13.58
CA GLY D 30 -7.49 25.27 13.75
C GLY D 30 -6.63 25.42 12.53
N PHE D 31 -7.24 25.69 11.38
CA PHE D 31 -6.49 25.84 10.14
C PHE D 31 -5.62 27.08 10.14
N ASP D 32 -4.64 27.09 9.26
CA ASP D 32 -3.75 28.22 9.10
C ASP D 32 -4.17 28.96 7.83
N ILE D 33 -4.85 28.24 6.92
CA ILE D 33 -5.24 28.76 5.60
C ILE D 33 -6.69 28.54 5.23
N LEU D 34 -7.26 29.53 4.51
CA LEU D 34 -8.60 29.36 3.96
C LEU D 34 -8.33 29.62 2.50
N GLU D 35 -8.76 28.70 1.63
CA GLU D 35 -8.53 28.91 0.20
C GLU D 35 -9.84 29.38 -0.40
N ILE D 36 -9.77 30.45 -1.16
CA ILE D 36 -10.98 31.02 -1.75
C ILE D 36 -11.00 31.06 -3.27
N ALA D 37 -12.19 30.94 -3.82
CA ALA D 37 -12.36 30.99 -5.25
C ALA D 37 -12.14 32.45 -5.67
N ALA D 38 -11.42 32.64 -6.77
CA ALA D 38 -11.12 33.97 -7.29
C ALA D 38 -12.32 34.68 -7.93
N SER D 39 -13.25 33.90 -8.46
CA SER D 39 -14.43 34.43 -9.16
C SER D 39 -15.07 35.72 -8.67
N PRO D 40 -15.47 35.80 -7.37
CA PRO D 40 -16.09 37.06 -6.97
C PRO D 40 -15.11 38.19 -6.71
N LEU D 41 -13.83 37.87 -6.57
CA LEU D 41 -12.84 38.91 -6.30
C LEU D 41 -12.80 40.08 -7.27
N PRO D 42 -13.07 39.86 -8.56
CA PRO D 42 -13.02 41.01 -9.48
C PRO D 42 -14.13 42.07 -9.29
N PHE D 43 -15.25 41.63 -8.71
CA PHE D 43 -16.38 42.51 -8.49
C PHE D 43 -16.31 43.17 -7.10
N TYR D 44 -15.16 43.09 -6.45
CA TYR D 44 -15.00 43.70 -5.11
C TYR D 44 -14.71 45.18 -5.23
N SER D 45 -15.11 45.93 -4.21
CA SER D 45 -14.83 47.37 -4.19
C SER D 45 -13.55 47.40 -3.36
N ASP D 46 -12.81 48.49 -3.42
CA ASP D 46 -11.57 48.56 -2.65
C ASP D 46 -11.85 48.52 -1.16
N ILE D 47 -13.12 48.66 -0.81
CA ILE D 47 -13.55 48.62 0.58
C ILE D 47 -13.70 47.15 0.99
N GLN D 48 -14.33 46.37 0.12
CA GLN D 48 -14.52 44.95 0.38
C GLN D 48 -13.17 44.23 0.48
N ILE D 49 -12.23 44.61 -0.39
CA ILE D 49 -10.91 44.00 -0.37
C ILE D 49 -10.24 44.16 0.99
N ASN D 50 -10.15 45.40 1.44
CA ASN D 50 -9.53 45.73 2.72
C ASN D 50 -10.14 45.09 3.94
N GLU D 51 -11.46 44.93 3.97
CA GLU D 51 -12.04 44.33 5.15
C GLU D 51 -11.73 42.82 5.17
N LEU D 52 -11.80 42.18 4.00
CA LEU D 52 -11.48 40.74 3.88
C LEU D 52 -10.04 40.55 4.37
N LYS D 53 -9.14 41.37 3.86
CA LYS D 53 -7.76 41.31 4.29
C LYS D 53 -7.68 41.48 5.81
N ALA D 54 -8.42 42.45 6.33
CA ALA D 54 -8.41 42.69 7.78
C ALA D 54 -9.03 41.51 8.53
N CYS D 55 -10.12 40.95 8.01
CA CYS D 55 -10.77 39.82 8.66
C CYS D 55 -9.82 38.65 8.80
N ALA D 56 -9.00 38.45 7.79
CA ALA D 56 -8.04 37.35 7.77
C ALA D 56 -6.99 37.56 8.84
N HIS D 57 -6.24 38.65 8.70
CA HIS D 57 -5.19 38.98 9.66
C HIS D 57 -5.73 38.92 11.08
N GLY D 58 -6.92 39.46 11.27
CA GLY D 58 -7.51 39.46 12.60
C GLY D 58 -7.63 38.08 13.19
N ASN D 59 -8.02 37.12 12.37
CA ASN D 59 -8.18 35.75 12.83
C ASN D 59 -6.92 34.89 12.69
N GLY D 60 -5.82 35.49 12.23
CA GLY D 60 -4.60 34.74 12.08
C GLY D 60 -4.68 33.71 10.97
N ILE D 61 -5.50 33.96 9.97
CA ILE D 61 -5.65 33.04 8.86
C ILE D 61 -5.03 33.63 7.62
N THR D 62 -4.22 32.85 6.91
CA THR D 62 -3.61 33.30 5.66
C THR D 62 -4.57 32.88 4.56
N LEU D 63 -4.57 33.63 3.47
CA LEU D 63 -5.47 33.37 2.35
C LEU D 63 -4.75 32.98 1.08
N THR D 64 -5.25 31.92 0.44
CA THR D 64 -4.72 31.44 -0.85
C THR D 64 -5.92 31.42 -1.78
N VAL D 65 -5.66 31.55 -3.07
CA VAL D 65 -6.72 31.55 -4.04
C VAL D 65 -6.68 30.42 -5.08
N GLY D 66 -7.85 29.89 -5.40
CA GLY D 66 -7.98 28.85 -6.42
C GLY D 66 -8.85 29.42 -7.54
N HIS D 67 -8.68 28.94 -8.78
CA HIS D 67 -9.47 29.46 -9.89
C HIS D 67 -9.63 28.53 -11.10
N GLY D 68 -10.88 28.29 -11.46
CA GLY D 68 -11.18 27.47 -12.62
C GLY D 68 -11.54 28.44 -13.73
N PRO D 69 -10.57 28.88 -14.53
CA PRO D 69 -10.78 29.84 -15.63
C PRO D 69 -11.95 29.48 -16.55
N SER D 70 -12.63 30.51 -17.03
CA SER D 70 -13.71 30.32 -17.98
C SER D 70 -13.05 30.27 -19.39
N ALA D 71 -13.81 29.82 -20.38
CA ALA D 71 -13.34 29.74 -21.75
C ALA D 71 -12.75 31.05 -22.21
N GLU D 72 -13.39 32.16 -21.79
CA GLU D 72 -12.86 33.43 -22.25
C GLU D 72 -11.66 33.95 -21.49
N GLN D 73 -11.21 33.21 -20.48
CA GLN D 73 -10.02 33.59 -19.70
C GLN D 73 -8.85 32.65 -20.07
N ASN D 74 -9.07 31.81 -21.08
CA ASN D 74 -8.11 30.82 -21.55
C ASN D 74 -6.84 31.33 -22.22
N LEU D 75 -5.75 31.38 -21.47
CA LEU D 75 -4.46 31.87 -21.98
C LEU D 75 -3.87 30.99 -23.07
N SER D 76 -4.47 29.83 -23.33
CA SER D 76 -3.93 28.94 -24.37
C SER D 76 -4.67 29.07 -25.69
N SER D 77 -5.82 29.74 -25.66
CA SER D 77 -6.65 29.93 -26.83
C SER D 77 -5.97 30.38 -28.12
N PRO D 78 -6.37 29.78 -29.24
CA PRO D 78 -5.72 30.21 -30.48
C PRO D 78 -6.27 31.60 -30.87
N ASP D 79 -7.45 31.93 -30.34
CA ASP D 79 -8.07 33.22 -30.63
C ASP D 79 -7.33 34.32 -29.87
N PRO D 80 -6.64 35.24 -30.58
CA PRO D 80 -5.88 36.34 -29.97
C PRO D 80 -6.70 37.27 -29.07
N ASP D 81 -7.99 37.42 -29.36
CA ASP D 81 -8.86 38.27 -28.54
C ASP D 81 -9.11 37.62 -27.18
N ILE D 82 -9.27 36.29 -27.18
CA ILE D 82 -9.46 35.61 -25.92
C ILE D 82 -8.14 35.67 -25.14
N ARG D 83 -6.99 35.45 -25.80
CA ARG D 83 -5.72 35.54 -25.06
C ARG D 83 -5.55 36.93 -24.44
N LYS D 84 -5.93 37.94 -25.21
CA LYS D 84 -5.87 39.33 -24.79
C LYS D 84 -6.72 39.53 -23.53
N ASN D 85 -8.00 39.19 -23.63
CA ASN D 85 -8.88 39.35 -22.51
C ASN D 85 -8.43 38.54 -21.30
N ALA D 86 -7.81 37.39 -21.57
CA ALA D 86 -7.33 36.51 -20.50
C ALA D 86 -6.21 37.18 -19.73
N LYS D 87 -5.20 37.74 -20.43
CA LYS D 87 -4.09 38.40 -19.74
C LYS D 87 -4.61 39.62 -18.95
N ALA D 88 -5.59 40.30 -19.51
CA ALA D 88 -6.20 41.45 -18.84
C ALA D 88 -6.83 41.01 -17.51
N PHE D 89 -7.57 39.90 -17.56
CA PHE D 89 -8.20 39.37 -16.36
C PHE D 89 -7.18 39.05 -15.27
N TYR D 90 -6.10 38.35 -15.62
CA TYR D 90 -5.09 37.98 -14.63
C TYR D 90 -4.33 39.15 -14.06
N THR D 91 -4.01 40.12 -14.92
CA THR D 91 -3.29 41.31 -14.50
C THR D 91 -4.09 42.10 -13.44
N ASP D 92 -5.39 42.29 -13.65
CA ASP D 92 -6.20 42.97 -12.66
C ASP D 92 -6.24 42.11 -11.38
N LEU D 93 -6.69 40.86 -11.53
CA LEU D 93 -6.79 39.89 -10.43
C LEU D 93 -5.52 39.85 -9.58
N LEU D 94 -4.39 39.71 -10.25
CA LEU D 94 -3.11 39.67 -9.56
C LEU D 94 -2.91 40.95 -8.73
N LYS D 95 -3.27 42.09 -9.32
CA LYS D 95 -3.13 43.37 -8.64
C LYS D 95 -4.01 43.34 -7.40
N ARG D 96 -5.26 42.93 -7.57
CA ARG D 96 -6.16 42.84 -6.43
C ARG D 96 -5.63 41.89 -5.34
N LEU D 97 -5.03 40.78 -5.76
CA LEU D 97 -4.49 39.80 -4.84
C LEU D 97 -3.40 40.47 -4.02
N TYR D 98 -2.68 41.38 -4.64
CA TYR D 98 -1.63 42.09 -3.94
C TYR D 98 -2.20 43.01 -2.85
N LYS D 99 -3.41 43.52 -3.07
CA LYS D 99 -4.07 44.41 -2.11
C LYS D 99 -4.65 43.58 -0.97
N LEU D 100 -4.39 42.29 -0.97
CA LEU D 100 -4.89 41.41 0.09
C LEU D 100 -3.72 40.69 0.73
N ASP D 101 -2.49 40.98 0.29
CA ASP D 101 -1.25 40.29 0.69
C ASP D 101 -1.56 38.78 0.52
N VAL D 102 -2.11 38.42 -0.64
CA VAL D 102 -2.34 37.01 -0.97
C VAL D 102 -1.12 36.79 -1.85
N HIS D 103 -0.30 35.79 -1.53
CA HIS D 103 0.90 35.54 -2.32
C HIS D 103 0.88 34.24 -3.14
N LEU D 104 -0.29 33.64 -3.26
CA LEU D 104 -0.43 32.40 -4.03
C LEU D 104 -1.78 32.11 -4.68
N ILE D 105 -1.74 31.83 -5.97
CA ILE D 105 -2.94 31.46 -6.72
C ILE D 105 -2.61 30.18 -7.50
N GLY D 106 -3.54 29.22 -7.54
CA GLY D 106 -3.30 27.98 -8.27
C GLY D 106 -4.53 27.47 -9.01
N GLY D 107 -4.33 26.52 -9.92
CA GLY D 107 -5.42 25.94 -10.70
C GLY D 107 -4.99 25.69 -12.15
N ALA D 108 -5.94 25.42 -13.05
CA ALA D 108 -5.60 25.20 -14.46
C ALA D 108 -5.36 26.57 -15.08
N LEU D 109 -4.47 27.34 -14.45
CA LEU D 109 -4.19 28.71 -14.88
C LEU D 109 -3.67 28.81 -16.29
N TYR D 110 -3.14 27.71 -16.84
CA TYR D 110 -2.61 27.68 -18.20
C TYR D 110 -3.69 27.30 -19.23
N SER D 111 -4.91 27.08 -18.77
CA SER D 111 -5.98 26.64 -19.67
C SER D 111 -7.35 27.16 -19.19
N TYR D 112 -8.37 26.31 -19.21
CA TYR D 112 -9.68 26.71 -18.71
C TYR D 112 -10.31 25.46 -18.09
N TRP D 113 -11.25 25.65 -17.18
CA TRP D 113 -11.84 24.53 -16.48
C TRP D 113 -13.28 24.83 -16.06
N PRO D 114 -14.19 23.88 -16.26
CA PRO D 114 -13.87 22.59 -16.90
C PRO D 114 -13.80 22.79 -18.41
N ILE D 115 -13.01 21.97 -19.08
CA ILE D 115 -12.85 22.12 -20.52
C ILE D 115 -13.97 21.43 -21.31
N ASP D 116 -14.27 21.97 -22.49
CA ASP D 116 -15.31 21.38 -23.34
C ASP D 116 -14.64 20.38 -24.29
N TYR D 117 -14.81 19.09 -24.03
CA TYR D 117 -14.21 18.08 -24.88
C TYR D 117 -15.05 17.85 -26.14
N THR D 118 -16.08 18.69 -26.30
CA THR D 118 -16.97 18.63 -27.43
C THR D 118 -16.22 19.13 -28.64
N LYS D 119 -15.48 20.21 -28.44
CA LYS D 119 -14.70 20.82 -29.49
C LYS D 119 -13.44 20.00 -29.81
N THR D 120 -12.69 20.45 -30.80
CA THR D 120 -11.47 19.78 -31.22
C THR D 120 -10.32 20.28 -30.37
N ILE D 121 -9.35 19.40 -30.08
CA ILE D 121 -8.23 19.84 -29.25
C ILE D 121 -6.89 19.80 -29.97
N ASP D 122 -6.16 20.90 -29.83
CA ASP D 122 -4.85 21.05 -30.42
C ASP D 122 -3.87 21.20 -29.26
N LYS D 123 -3.41 20.07 -28.76
CA LYS D 123 -2.47 20.06 -27.64
C LYS D 123 -1.15 20.79 -27.88
N LYS D 124 -0.47 20.47 -28.99
CA LYS D 124 0.80 21.10 -29.28
C LYS D 124 0.65 22.65 -29.46
N GLY D 125 -0.40 23.06 -30.18
CA GLY D 125 -0.64 24.48 -30.37
C GLY D 125 -0.99 25.15 -29.04
N ASP D 126 -2.04 24.64 -28.39
CA ASP D 126 -2.45 25.20 -27.10
C ASP D 126 -1.32 25.27 -26.09
N TRP D 127 -0.43 24.29 -26.14
CA TRP D 127 0.70 24.25 -25.23
C TRP D 127 1.67 25.39 -25.52
N GLU D 128 2.01 25.57 -26.80
CA GLU D 128 2.92 26.67 -27.15
C GLU D 128 2.31 28.05 -26.77
N ARG D 129 1.05 28.27 -27.11
CA ARG D 129 0.38 29.52 -26.75
C ARG D 129 0.37 29.71 -25.23
N SER D 130 0.09 28.63 -24.48
CA SER D 130 0.04 28.76 -23.03
C SER D 130 1.38 29.07 -22.42
N VAL D 131 2.44 28.40 -22.86
CA VAL D 131 3.75 28.71 -22.31
C VAL D 131 3.97 30.22 -22.42
N GLU D 132 3.86 30.75 -23.64
CA GLU D 132 4.06 32.17 -23.87
C GLU D 132 3.19 33.05 -22.99
N SER D 133 1.86 32.88 -23.06
CA SER D 133 0.97 33.68 -22.22
C SER D 133 1.33 33.65 -20.72
N VAL D 134 1.63 32.47 -20.20
CA VAL D 134 1.95 32.35 -18.79
C VAL D 134 3.22 33.10 -18.41
N ARG D 135 4.26 32.96 -19.23
CA ARG D 135 5.50 33.64 -18.95
C ARG D 135 5.18 35.14 -18.84
N GLU D 136 4.29 35.62 -19.71
CA GLU D 136 3.92 37.03 -19.67
C GLU D 136 3.20 37.37 -18.37
N VAL D 137 2.14 36.63 -18.06
CA VAL D 137 1.40 36.88 -16.84
C VAL D 137 2.34 36.78 -15.64
N ALA D 138 3.39 35.97 -15.78
CA ALA D 138 4.35 35.77 -14.70
C ALA D 138 4.98 37.10 -14.29
N LYS D 139 5.17 37.99 -15.25
CA LYS D 139 5.75 39.30 -14.96
C LYS D 139 4.83 40.02 -13.98
N VAL D 140 3.56 40.18 -14.35
CA VAL D 140 2.63 40.84 -13.46
C VAL D 140 2.62 40.13 -12.12
N ALA D 141 2.73 38.80 -12.17
CA ALA D 141 2.74 38.01 -10.97
C ALA D 141 3.95 38.34 -10.12
N GLU D 142 5.12 38.36 -10.72
CA GLU D 142 6.32 38.68 -9.97
C GLU D 142 6.21 40.04 -9.32
N ALA D 143 5.48 40.95 -9.95
CA ALA D 143 5.32 42.28 -9.40
C ALA D 143 4.40 42.29 -8.19
N CYS D 144 3.25 41.64 -8.30
CA CYS D 144 2.30 41.59 -7.19
C CYS D 144 2.72 40.64 -6.05
N GLY D 145 3.94 40.09 -6.13
CA GLY D 145 4.41 39.16 -5.11
C GLY D 145 3.53 37.93 -5.03
N VAL D 146 3.25 37.33 -6.18
CA VAL D 146 2.41 36.16 -6.20
C VAL D 146 3.01 34.98 -6.93
N ASP D 147 2.88 33.79 -6.33
CA ASP D 147 3.38 32.57 -6.98
C ASP D 147 2.21 32.04 -7.83
N PHE D 148 2.44 31.97 -9.13
CA PHE D 148 1.46 31.52 -10.11
C PHE D 148 1.63 30.01 -10.22
N CYS D 149 0.72 29.28 -9.58
CA CYS D 149 0.77 27.81 -9.53
C CYS D 149 -0.10 27.04 -10.53
N LEU D 150 0.58 26.25 -11.37
CA LEU D 150 -0.04 25.42 -12.42
C LEU D 150 -0.36 24.02 -11.91
N GLU D 151 -1.63 23.77 -11.63
CA GLU D 151 -2.09 22.50 -11.10
C GLU D 151 -2.19 21.42 -12.19
N VAL D 152 -1.58 20.26 -11.92
CA VAL D 152 -1.57 19.09 -12.78
C VAL D 152 -2.91 18.39 -12.58
N LEU D 153 -3.68 18.25 -13.65
CA LEU D 153 -5.00 17.64 -13.56
C LEU D 153 -5.12 16.32 -14.31
N ASN D 154 -6.12 15.51 -13.92
CA ASN D 154 -6.34 14.23 -14.56
C ASN D 154 -6.87 14.51 -15.97
N ARG D 155 -6.70 13.54 -16.85
CA ARG D 155 -7.11 13.62 -18.25
C ARG D 155 -8.56 14.09 -18.53
N PHE D 156 -9.50 13.78 -17.64
CA PHE D 156 -10.90 14.15 -17.84
C PHE D 156 -11.15 15.64 -17.60
N GLU D 157 -10.22 16.28 -16.93
CA GLU D 157 -10.40 17.66 -16.64
C GLU D 157 -9.50 18.59 -17.38
N ASN D 158 -8.46 18.05 -17.99
CA ASN D 158 -7.54 18.92 -18.74
C ASN D 158 -6.73 17.96 -19.62
N TYR D 159 -6.19 18.44 -20.74
CA TYR D 159 -5.41 17.58 -21.66
C TYR D 159 -3.98 18.08 -21.87
N LEU D 160 -3.63 19.22 -21.28
CA LEU D 160 -2.28 19.79 -21.45
C LEU D 160 -1.27 19.28 -20.46
N ILE D 161 -1.65 19.24 -19.19
CA ILE D 161 -0.73 18.77 -18.15
C ILE D 161 -1.41 17.71 -17.28
N ASN D 162 -0.98 16.45 -17.39
CA ASN D 162 -1.62 15.38 -16.64
C ASN D 162 -0.72 14.72 -15.63
N THR D 163 0.58 14.85 -15.79
CA THR D 163 1.49 14.25 -14.82
C THR D 163 2.45 15.30 -14.29
N ALA D 164 3.09 15.01 -13.16
CA ALA D 164 4.04 15.92 -12.54
C ALA D 164 5.15 16.20 -13.54
N GLN D 165 5.61 15.16 -14.21
CA GLN D 165 6.65 15.33 -15.21
C GLN D 165 6.24 16.34 -16.33
N GLU D 166 5.00 16.26 -16.81
CA GLU D 166 4.57 17.23 -17.84
C GLU D 166 4.50 18.60 -17.18
N GLY D 167 4.21 18.62 -15.87
CA GLY D 167 4.12 19.90 -15.19
C GLY D 167 5.46 20.57 -15.11
N VAL D 168 6.46 19.80 -14.68
CA VAL D 168 7.81 20.32 -14.56
C VAL D 168 8.28 20.83 -15.90
N ASP D 169 8.04 20.06 -16.97
CA ASP D 169 8.47 20.45 -18.31
C ASP D 169 7.81 21.76 -18.74
N PHE D 170 6.52 21.90 -18.51
CA PHE D 170 5.84 23.12 -18.89
C PHE D 170 6.45 24.30 -18.11
N VAL D 171 6.53 24.19 -16.79
CA VAL D 171 7.08 25.26 -15.96
C VAL D 171 8.52 25.60 -16.34
N LYS D 172 9.32 24.61 -16.67
CA LYS D 172 10.71 24.86 -17.05
C LYS D 172 10.77 25.61 -18.40
N GLN D 173 9.79 25.37 -19.25
CA GLN D 173 9.74 26.00 -20.54
C GLN D 173 9.39 27.47 -20.34
N VAL D 174 8.52 27.74 -19.35
CA VAL D 174 8.09 29.09 -19.00
C VAL D 174 9.31 29.86 -18.53
N ASP D 175 10.14 29.22 -17.74
CA ASP D 175 11.39 29.81 -17.27
C ASP D 175 11.19 31.16 -16.57
N HIS D 176 10.47 31.14 -15.46
CA HIS D 176 10.23 32.35 -14.70
C HIS D 176 10.02 31.95 -13.26
N ASN D 177 10.66 32.69 -12.37
CA ASN D 177 10.65 32.39 -10.94
C ASN D 177 9.33 32.34 -10.19
N ASN D 178 8.32 33.04 -10.68
CA ASN D 178 7.04 33.04 -9.96
C ASN D 178 6.06 31.99 -10.48
N VAL D 179 6.53 31.10 -11.35
CA VAL D 179 5.68 30.05 -11.87
C VAL D 179 6.09 28.73 -11.24
N LYS D 180 5.07 28.08 -10.71
CA LYS D 180 5.27 26.85 -9.99
C LYS D 180 4.36 25.74 -10.47
N VAL D 181 4.76 24.53 -10.08
CA VAL D 181 4.02 23.33 -10.35
C VAL D 181 3.14 23.11 -9.12
N MET D 182 1.91 22.70 -9.35
CA MET D 182 1.00 22.41 -8.25
C MET D 182 0.49 20.97 -8.42
N LEU D 183 0.60 20.17 -7.37
CA LEU D 183 0.13 18.80 -7.40
C LEU D 183 -1.11 18.64 -6.53
N ASP D 184 -1.94 17.66 -6.87
CA ASP D 184 -3.19 17.37 -6.18
C ASP D 184 -3.29 15.86 -6.05
N THR D 185 -3.45 15.36 -4.82
CA THR D 185 -3.53 13.94 -4.58
C THR D 185 -4.68 13.28 -5.32
N PHE D 186 -5.77 14.00 -5.50
CA PHE D 186 -6.88 13.40 -6.25
C PHE D 186 -6.47 13.08 -7.73
N HIS D 187 -5.81 14.04 -8.37
CA HIS D 187 -5.37 13.89 -9.77
C HIS D 187 -4.16 12.97 -9.92
N MET D 188 -3.19 13.07 -9.00
CA MET D 188 -2.01 12.20 -9.02
C MET D 188 -2.46 10.76 -8.94
N ASN D 189 -3.49 10.52 -8.12
CA ASN D 189 -4.00 9.19 -7.89
C ASN D 189 -4.45 8.49 -9.16
N ILE D 190 -4.80 9.28 -10.15
CA ILE D 190 -5.26 8.75 -11.42
C ILE D 190 -4.10 8.63 -12.40
N GLU D 191 -3.37 9.70 -12.60
CA GLU D 191 -2.33 9.71 -13.61
C GLU D 191 -0.94 9.20 -13.36
N GLU D 192 -0.50 9.19 -12.12
CA GLU D 192 0.88 8.83 -11.82
C GLU D 192 1.22 7.38 -11.59
N ASP D 193 2.40 6.97 -12.05
CA ASP D 193 2.86 5.60 -11.75
C ASP D 193 3.18 5.55 -10.25
N SER D 194 3.73 6.65 -9.74
CA SER D 194 4.14 6.73 -8.33
C SER D 194 3.81 8.07 -7.68
N ILE D 195 3.19 8.03 -6.52
CA ILE D 195 2.84 9.27 -5.83
C ILE D 195 4.11 9.93 -5.30
N GLY D 196 4.86 9.20 -4.48
CA GLY D 196 6.11 9.74 -3.97
C GLY D 196 7.01 10.12 -5.14
N GLY D 197 7.02 9.32 -6.20
CA GLY D 197 7.89 9.63 -7.32
C GLY D 197 7.46 10.92 -8.00
N ALA D 198 6.17 11.19 -8.01
CA ALA D 198 5.71 12.40 -8.68
C ALA D 198 6.15 13.61 -7.84
N ILE D 199 5.96 13.51 -6.53
CA ILE D 199 6.37 14.61 -5.66
C ILE D 199 7.87 14.85 -5.80
N ARG D 200 8.67 13.79 -5.80
CA ARG D 200 10.11 13.98 -5.93
C ARG D 200 10.42 14.62 -7.29
N THR D 201 9.63 14.31 -8.30
CA THR D 201 9.86 14.87 -9.63
C THR D 201 9.60 16.39 -9.63
N ALA D 202 8.50 16.81 -9.00
CA ALA D 202 8.23 18.22 -8.93
C ALA D 202 9.40 18.91 -8.18
N GLY D 203 9.88 18.29 -7.11
CA GLY D 203 11.01 18.84 -6.35
C GLY D 203 10.91 20.31 -6.03
N SER D 204 11.90 21.11 -6.43
CA SER D 204 11.89 22.56 -6.14
C SER D 204 10.80 23.36 -6.82
N TYR D 205 10.13 22.78 -7.81
CA TYR D 205 9.10 23.50 -8.50
C TYR D 205 7.75 23.38 -7.79
N LEU D 206 7.64 22.47 -6.84
CA LEU D 206 6.37 22.29 -6.15
C LEU D 206 6.05 23.54 -5.30
N GLY D 207 5.05 24.31 -5.73
CA GLY D 207 4.69 25.51 -5.01
C GLY D 207 3.39 25.41 -4.22
N HIS D 208 2.64 24.34 -4.41
CA HIS D 208 1.39 24.23 -3.69
C HIS D 208 0.92 22.77 -3.80
N LEU D 209 0.12 22.33 -2.84
CA LEU D 209 -0.37 20.98 -2.84
C LEU D 209 -1.81 20.92 -2.32
N HIS D 210 -2.66 20.20 -3.04
CA HIS D 210 -4.07 20.02 -2.69
C HIS D 210 -4.14 18.59 -2.27
N THR D 211 -5.04 18.30 -1.34
CA THR D 211 -5.19 16.97 -0.83
C THR D 211 -6.65 16.62 -0.82
N GLY D 212 -6.90 15.33 -0.85
CA GLY D 212 -8.23 14.80 -0.86
C GLY D 212 -8.05 13.32 -1.10
N GLU D 213 -9.06 12.54 -0.75
CA GLU D 213 -9.01 11.13 -0.95
C GLU D 213 -9.31 10.84 -2.43
N CYS D 214 -9.16 9.58 -2.81
CA CYS D 214 -9.39 9.16 -4.19
C CYS D 214 -10.71 9.70 -4.68
N ASN D 215 -11.76 9.59 -3.87
CA ASN D 215 -13.05 10.09 -4.31
C ASN D 215 -13.43 11.48 -3.80
N ARG D 216 -12.42 12.21 -3.35
CA ARG D 216 -12.58 13.58 -2.87
C ARG D 216 -13.07 13.79 -1.45
N LYS D 217 -13.04 12.74 -0.64
CA LYS D 217 -13.42 12.85 0.77
C LYS D 217 -12.27 13.56 1.48
N VAL D 218 -12.48 13.96 2.74
CA VAL D 218 -11.42 14.64 3.48
C VAL D 218 -10.33 13.60 3.68
N PRO D 219 -9.06 14.03 3.75
CA PRO D 219 -7.95 13.10 3.94
C PRO D 219 -8.02 12.24 5.16
N GLY D 220 -7.74 10.94 4.97
CA GLY D 220 -7.69 10.08 6.13
C GLY D 220 -8.11 8.64 6.14
N ARG D 221 -9.33 8.36 5.75
CA ARG D 221 -9.84 7.02 5.81
C ARG D 221 -9.98 6.35 4.46
N GLY D 222 -9.34 6.94 3.44
CA GLY D 222 -9.39 6.41 2.08
C GLY D 222 -8.11 5.66 1.68
N ARG D 223 -7.84 5.60 0.39
CA ARG D 223 -6.67 4.85 -0.10
C ARG D 223 -5.46 5.66 -0.45
N ILE D 224 -5.53 6.97 -0.30
CA ILE D 224 -4.37 7.78 -0.61
C ILE D 224 -3.23 7.40 0.37
N PRO D 225 -1.99 7.26 -0.15
CA PRO D 225 -0.77 6.92 0.59
C PRO D 225 -0.16 8.16 1.29
N TRP D 226 -0.84 8.66 2.32
CA TRP D 226 -0.38 9.87 3.03
C TRP D 226 1.04 9.79 3.58
N VAL D 227 1.41 8.65 4.16
CA VAL D 227 2.76 8.51 4.71
C VAL D 227 3.78 8.70 3.59
N GLU D 228 3.59 8.01 2.46
CA GLU D 228 4.51 8.11 1.32
C GLU D 228 4.58 9.56 0.92
N ILE D 229 3.42 10.23 0.87
CA ILE D 229 3.41 11.65 0.50
C ILE D 229 4.24 12.45 1.52
N GLY D 230 3.89 12.31 2.79
CA GLY D 230 4.67 13.02 3.81
C GLY D 230 6.17 12.79 3.61
N GLU D 231 6.59 11.54 3.40
CA GLU D 231 8.02 11.27 3.22
C GLU D 231 8.65 11.93 2.01
N ALA D 232 7.88 12.01 0.94
CA ALA D 232 8.38 12.63 -0.28
C ALA D 232 8.49 14.15 -0.11
N LEU D 233 7.55 14.73 0.63
CA LEU D 233 7.59 16.20 0.86
C LEU D 233 8.85 16.49 1.65
N ALA D 234 9.21 15.58 2.53
CA ALA D 234 10.42 15.74 3.32
C ALA D 234 11.60 15.52 2.40
N ASP D 235 11.53 14.55 1.50
CA ASP D 235 12.64 14.32 0.57
C ASP D 235 12.96 15.62 -0.18
N ILE D 236 11.93 16.37 -0.57
CA ILE D 236 12.19 17.60 -1.33
C ILE D 236 12.22 18.84 -0.42
N GLY D 237 12.15 18.63 0.89
CA GLY D 237 12.17 19.75 1.79
C GLY D 237 11.05 20.71 1.43
N TYR D 238 9.83 20.19 1.35
CA TYR D 238 8.72 21.06 1.00
C TYR D 238 8.38 21.93 2.20
N ASN D 239 8.29 23.22 1.95
CA ASN D 239 7.96 24.17 3.00
C ASN D 239 6.56 24.76 2.78
N GLY D 240 6.11 24.76 1.52
CA GLY D 240 4.83 25.29 1.13
C GLY D 240 3.61 24.89 1.95
N SER D 241 2.45 25.20 1.40
CA SER D 241 1.20 24.92 2.06
C SER D 241 0.57 23.61 1.56
N VAL D 242 -0.40 23.12 2.33
CA VAL D 242 -1.13 21.91 2.02
C VAL D 242 -2.58 22.23 2.28
N VAL D 243 -3.38 22.27 1.21
CA VAL D 243 -4.82 22.58 1.30
C VAL D 243 -5.76 21.44 0.92
N MET D 244 -6.57 20.99 1.87
CA MET D 244 -7.52 19.93 1.58
C MET D 244 -8.63 20.58 0.80
N GLU D 245 -9.12 19.81 -0.17
CA GLU D 245 -10.12 20.27 -1.10
C GLU D 245 -11.20 19.22 -1.21
N PRO D 246 -11.78 18.84 -0.09
CA PRO D 246 -12.83 17.83 -0.14
C PRO D 246 -14.11 18.34 -0.81
N PHE D 247 -14.81 17.43 -1.48
CA PHE D 247 -16.04 17.73 -2.18
C PHE D 247 -16.93 16.54 -1.92
N VAL D 248 -17.87 16.66 -0.98
CA VAL D 248 -18.72 15.53 -0.65
C VAL D 248 -20.21 15.80 -0.78
N ARG D 249 -20.58 16.93 -1.40
CA ARG D 249 -22.00 17.25 -1.58
C ARG D 249 -22.50 17.44 -3.01
N MET D 250 -23.67 16.90 -3.32
CA MET D 250 -24.26 17.07 -4.65
C MET D 250 -24.84 18.47 -4.75
N GLY D 251 -25.32 18.81 -5.95
CA GLY D 251 -25.96 20.11 -6.19
C GLY D 251 -25.14 21.31 -6.57
N GLY D 252 -25.78 22.25 -7.27
CA GLY D 252 -25.13 23.48 -7.69
C GLY D 252 -24.03 23.37 -8.74
N THR D 253 -23.44 24.50 -9.07
CA THR D 253 -22.36 24.54 -10.05
C THR D 253 -21.16 23.70 -9.55
N VAL D 254 -20.94 23.70 -8.23
CA VAL D 254 -19.82 22.95 -7.65
C VAL D 254 -20.06 21.47 -7.78
N GLY D 255 -21.23 21.00 -7.33
CA GLY D 255 -21.56 19.60 -7.44
C GLY D 255 -21.54 19.16 -8.89
N SER D 256 -21.79 20.09 -9.80
CA SER D 256 -21.81 19.78 -11.21
C SER D 256 -20.41 19.81 -11.84
N ASN D 257 -19.61 20.82 -11.52
CA ASN D 257 -18.26 20.91 -12.07
C ASN D 257 -17.36 19.78 -11.54
N ILE D 258 -17.52 19.44 -10.26
CA ILE D 258 -16.72 18.41 -9.61
C ILE D 258 -17.29 17.04 -9.92
N LYS D 259 -18.56 17.01 -10.30
CA LYS D 259 -19.21 15.76 -10.67
C LYS D 259 -19.55 14.78 -9.58
N VAL D 260 -20.14 15.33 -8.53
CA VAL D 260 -20.57 14.56 -7.36
C VAL D 260 -21.98 14.16 -7.71
N TRP D 261 -22.20 12.89 -7.99
CA TRP D 261 -23.52 12.42 -8.42
C TRP D 261 -24.22 11.55 -7.37
N ARG D 262 -23.66 11.52 -6.17
CA ARG D 262 -24.24 10.77 -5.08
C ARG D 262 -23.85 11.56 -3.83
N ASP D 263 -24.57 11.34 -2.73
CA ASP D 263 -24.27 12.07 -1.50
C ASP D 263 -23.17 11.37 -0.68
N ILE D 264 -21.96 11.71 -1.05
CA ILE D 264 -20.76 11.17 -0.45
C ILE D 264 -20.66 11.60 1.01
N SER D 265 -21.15 12.80 1.32
CA SER D 265 -21.09 13.34 2.68
C SER D 265 -22.02 12.52 3.56
N ASN D 266 -22.91 11.78 2.92
CA ASN D 266 -23.86 10.95 3.63
C ASN D 266 -24.73 11.78 4.59
N GLY D 267 -25.35 12.83 4.06
CA GLY D 267 -26.22 13.67 4.86
C GLY D 267 -25.58 14.45 5.98
N ALA D 268 -24.30 14.74 5.86
CA ALA D 268 -23.61 15.51 6.88
C ALA D 268 -24.09 16.97 6.95
N ASP D 269 -24.37 17.49 8.16
CA ASP D 269 -24.79 18.90 8.29
C ASP D 269 -23.54 19.72 8.51
N GLU D 270 -23.70 21.04 8.55
CA GLU D 270 -22.54 21.90 8.69
C GLU D 270 -21.68 21.57 9.89
N LYS D 271 -22.30 21.09 10.96
CA LYS D 271 -21.53 20.77 12.16
C LYS D 271 -20.72 19.49 11.95
N MET D 272 -21.38 18.48 11.38
CA MET D 272 -20.76 17.22 11.06
C MET D 272 -19.60 17.49 10.08
N LEU D 273 -19.83 18.31 9.06
CA LEU D 273 -18.76 18.63 8.11
C LEU D 273 -17.61 19.33 8.78
N ASP D 274 -17.93 20.06 9.84
CA ASP D 274 -16.92 20.80 10.57
C ASP D 274 -16.00 19.82 11.30
N ARG D 275 -16.60 18.83 11.94
CA ARG D 275 -15.85 17.83 12.69
C ARG D 275 -14.91 17.00 11.81
N GLU D 276 -15.45 16.46 10.72
CA GLU D 276 -14.65 15.67 9.80
C GLU D 276 -13.49 16.50 9.23
N ALA D 277 -13.74 17.75 8.96
CA ALA D 277 -12.67 18.58 8.42
C ALA D 277 -11.59 18.73 9.47
N GLN D 278 -12.01 18.93 10.72
CA GLN D 278 -11.06 19.13 11.82
C GLN D 278 -10.27 17.83 12.08
N ALA D 279 -10.97 16.71 12.10
CA ALA D 279 -10.31 15.42 12.25
C ALA D 279 -9.27 15.29 11.10
N ALA D 280 -9.69 15.58 9.87
CA ALA D 280 -8.78 15.46 8.73
C ALA D 280 -7.59 16.37 8.90
N LEU D 281 -7.80 17.49 9.57
CA LEU D 281 -6.73 18.46 9.80
C LEU D 281 -5.69 17.89 10.77
N ASP D 282 -6.15 17.32 11.88
CA ASP D 282 -5.25 16.72 12.88
C ASP D 282 -4.48 15.60 12.17
N PHE D 283 -5.21 14.80 11.41
CA PHE D 283 -4.59 13.69 10.69
C PHE D 283 -3.47 14.15 9.77
N SER D 284 -3.69 15.24 9.04
CA SER D 284 -2.71 15.74 8.08
C SER D 284 -1.47 16.31 8.68
N ARG D 285 -1.64 17.08 9.76
CA ARG D 285 -0.46 17.65 10.44
C ARG D 285 0.35 16.51 11.03
N TYR D 286 -0.33 15.51 11.54
CA TYR D 286 0.34 14.38 12.13
C TYR D 286 1.12 13.53 11.15
N VAL D 287 0.41 13.02 10.14
CA VAL D 287 1.05 12.16 9.15
C VAL D 287 1.99 12.83 8.16
N LEU D 288 1.65 14.02 7.70
CA LEU D 288 2.46 14.69 6.69
C LEU D 288 3.74 15.39 7.09
N GLU D 289 3.94 15.63 8.37
CA GLU D 289 5.15 16.36 8.75
C GLU D 289 6.27 15.48 9.28
N CYS D 290 7.52 15.86 8.99
CA CYS D 290 8.73 15.11 9.43
C CYS D 290 9.19 13.88 8.59
C1 TAG E . -14.65 2.76 -19.95
O1 TAG E . -13.63 3.74 -19.75
C2 TAG E . -14.16 1.34 -19.70
O2 TAG E . -13.90 0.91 -18.57
C3 TAG E . -14.52 0.32 -20.77
O3 TAG E . -15.86 -0.15 -20.60
C4 TAG E . -14.31 0.89 -22.18
O4 TAG E . -12.92 0.75 -22.45
C5 TAG E . -15.12 0.06 -23.17
O5 TAG E . -14.67 0.28 -24.50
C6 TAG E . -16.59 0.47 -23.05
O6 TAG E . -17.39 -0.69 -23.23
MN MN F . -13.64 -1.01 -18.50
C1 TAG G . 19.06 -14.14 7.61
O1 TAG G . 17.76 -13.94 8.18
C2 TAG G . 19.12 -13.68 6.14
O2 TAG G . 18.53 -12.69 5.73
C3 TAG G . 20.07 -14.45 5.23
O3 TAG G . 21.20 -13.66 4.82
C4 TAG G . 20.47 -15.78 5.88
O4 TAG G . 19.33 -16.63 5.73
C5 TAG G . 21.68 -16.42 5.18
O5 TAG G . 21.52 -17.84 5.09
C6 TAG G . 22.96 -16.13 5.97
O6 TAG G . 23.26 -14.74 5.97
MN MN H . 18.94 -12.38 3.59
C1 TAG I . 5.87 -8.07 22.54
O1 TAG I . 6.45 -9.08 21.69
C2 TAG I . 4.35 -8.22 22.64
O2 TAG I . 3.63 -8.31 21.64
C3 TAG I . 3.73 -7.91 24.00
O3 TAG I . 2.42 -8.49 24.09
C4 TAG I . 4.61 -8.45 25.12
O4 TAG I . 5.78 -7.64 25.20
C5 TAG I . 3.82 -8.35 26.43
O5 TAG I . 4.28 -7.21 27.17
C6 TAG I . 4.04 -9.62 27.26
O6 TAG I . 3.56 -10.75 26.52
MN MN J . 1.93 -7.17 21.87
C1 TAG K . -9.61 20.32 -10.17
O1 TAG K . -10.49 19.22 -9.90
C2 TAG K . -9.08 20.93 -8.87
O2 TAG K . -8.34 20.30 -8.11
C3 TAG K . -9.11 22.47 -8.82
O3 TAG K . -8.68 22.98 -10.08
C4 TAG K . -10.53 22.96 -8.56
O4 TAG K . -11.10 22.21 -7.48
C5 TAG K . -10.53 24.46 -8.27
O5 TAG K . -11.76 24.84 -7.61
C6 TAG K . -10.39 25.28 -9.54
O6 TAG K . -9.07 25.15 -10.09
MN MN L . -7.13 20.64 -6.74
#